data_5FBU
#
_entry.id   5FBU
#
_cell.length_a   151.630
_cell.length_b   151.630
_cell.length_c   191.510
_cell.angle_alpha   90.00
_cell.angle_beta   90.00
_cell.angle_gamma   120.00
#
_symmetry.space_group_name_H-M   'P 65 2 2'
#
loop_
_entity.id
_entity.type
_entity.pdbx_description
1 polymer 'Phosphoenolpyruvate synthase'
2 non-polymer Rifampin-phosphate
3 non-polymer 'CHLORIDE ION'
4 non-polymer (4S)-2-METHYL-2,4-PENTANEDIOL
5 water water
#
_entity_poly.entity_id   1
_entity_poly.type   'polypeptide(L)'
_entity_poly.pdbx_seq_one_letter_code
;MKPYVLKFQEIRPHSEALVGGKGMNLGACSNIEGVHVPAGFCLTTEAYKRTLAENNEFTQLLQRLSSLKTSDMDAIREIS
ETIRTLIQHTQIPSEIASYMDATLLDVGGYEMPFAVRSSATAEDLPHASFAGQHDTYLNIIGKDALLQHISMCWASLFTE
RAIIYRIQNQFDHRKVQLAVVIQQMISPEASGILFTADPITSNRKSLSIDASFGLGEALVSGLVSADSYTVRENTITNKI
IATKKLAIYSLKEGGTETRILEKSQQTKQTLTDQQIIQLAKLGRKIEAYFGKPQDIEWCLAEGAFYIVQSRPITTLYPIP
EVNEPGNRVYISVAHQQMMTDAMKPLGLSFYLMTTPATMYTAGGRLFVDITQSLSAKVSRDMMVNSLGQSDPLIKDALLT
VINKKGFLPPLPTEENPSHATVSGKPPVRSIPDSSSVFELVRNSENSIKHLKQSIETKSGSDLFDFIVEDLEELKRVLFN
PTSIDAIMAGMDASAWLNEHIYQWLGEKNVADKLSESAPNNITSQMGLELLDVADVIRPYPAVRAYLEQTKNPDFMNELA
TLEGGAETKKALEDYLQKYGMRCAGEIDLTKTRWIENPLTLIPLILSNIKNFDSSASMHKFAQGEKEAFHKEQEILRRLQ
ELPDGEQKAMETKEKIDILRHFIGYREYPKYGMINRYFIYKLALLRAGEQLVKDGILQEHEDIYFLYFEELREVVRTGQV
DYELINARKRDFATFEKLTPPRILTSDGEMINGEYKRENLPKDAILGLPVSSGTVEGRARVILEMEKADLEDGDILVTAY
TDPSWTPAFVSIKGLVTEVGGLMTHGAVIAREYGLPAVVGVENATTIIKDGQQIRINGTEGYIEILD
;
_entity_poly.pdbx_strand_id   A
#
# COMPACT_ATOMS: atom_id res chain seq x y z
N LYS A 2 -38.83 1.49 -26.56
CA LYS A 2 -37.84 0.45 -26.36
C LYS A 2 -38.18 -0.81 -27.13
N PRO A 3 -37.21 -1.41 -27.78
CA PRO A 3 -37.50 -2.64 -28.53
C PRO A 3 -37.91 -3.76 -27.60
N TYR A 4 -38.98 -4.46 -27.94
CA TYR A 4 -39.43 -5.57 -27.14
C TYR A 4 -38.36 -6.62 -27.16
N VAL A 5 -37.82 -6.85 -28.35
CA VAL A 5 -36.82 -7.88 -28.50
C VAL A 5 -35.81 -7.63 -29.59
N LEU A 6 -34.58 -8.06 -29.36
CA LEU A 6 -33.50 -7.91 -30.35
C LEU A 6 -32.33 -8.87 -30.14
N LYS A 7 -32.01 -9.53 -31.24
CA LYS A 7 -30.95 -10.49 -31.31
C LYS A 7 -29.62 -9.86 -31.28
N PHE A 8 -28.64 -10.68 -31.03
CA PHE A 8 -27.33 -10.24 -30.76
C PHE A 8 -26.64 -9.36 -31.77
N GLN A 9 -26.77 -9.58 -33.06
CA GLN A 9 -25.95 -8.67 -33.81
C GLN A 9 -26.72 -7.38 -33.89
N GLU A 10 -28.04 -7.49 -33.98
CA GLU A 10 -28.84 -6.30 -34.14
C GLU A 10 -28.66 -5.21 -33.08
N ILE A 11 -28.19 -5.60 -31.91
CA ILE A 11 -27.95 -4.64 -30.84
C ILE A 11 -26.67 -3.85 -31.05
N ARG A 12 -26.76 -2.53 -30.84
CA ARG A 12 -25.67 -1.55 -30.99
C ARG A 12 -25.42 -0.81 -29.66
N PRO A 13 -24.32 -0.08 -29.51
CA PRO A 13 -23.96 0.63 -28.25
C PRO A 13 -24.82 1.81 -27.73
N GLY A 20 -28.95 -6.17 -21.11
CA GLY A 20 -28.40 -6.54 -19.83
C GLY A 20 -26.91 -6.55 -20.09
N GLY A 21 -26.11 -6.79 -19.07
CA GLY A 21 -24.68 -6.78 -19.22
C GLY A 21 -24.21 -7.85 -20.18
N LYS A 22 -24.87 -8.99 -20.10
CA LYS A 22 -24.52 -10.15 -20.91
C LYS A 22 -24.97 -9.93 -22.32
N GLY A 23 -25.93 -9.04 -22.47
CA GLY A 23 -26.58 -8.76 -23.73
C GLY A 23 -25.58 -8.37 -24.75
N MET A 24 -24.41 -7.95 -24.29
CA MET A 24 -23.34 -7.59 -25.20
C MET A 24 -22.00 -8.36 -25.19
N ASN A 25 -21.69 -9.09 -24.13
CA ASN A 25 -20.66 -10.12 -24.19
C ASN A 25 -20.86 -10.67 -25.58
N LEU A 26 -22.14 -10.73 -25.91
CA LEU A 26 -22.64 -11.13 -27.25
C LEU A 26 -22.28 -10.06 -28.26
N GLY A 27 -22.23 -8.84 -27.75
CA GLY A 27 -22.33 -7.62 -28.53
C GLY A 27 -21.24 -7.36 -29.53
N ALA A 28 -20.10 -7.08 -28.96
CA ALA A 28 -18.85 -7.01 -29.68
C ALA A 28 -18.54 -8.36 -30.31
N CYS A 29 -18.73 -9.46 -29.61
CA CYS A 29 -18.32 -10.76 -30.13
C CYS A 29 -18.96 -11.26 -31.43
N SER A 30 -20.01 -10.65 -31.93
CA SER A 30 -20.71 -11.24 -33.07
C SER A 30 -19.80 -11.40 -34.26
N ASN A 31 -18.63 -10.82 -34.13
CA ASN A 31 -17.61 -10.75 -35.20
C ASN A 31 -17.04 -12.15 -35.47
N ILE A 32 -16.64 -12.87 -34.42
CA ILE A 32 -16.15 -14.27 -34.49
C ILE A 32 -15.07 -14.76 -35.48
N GLU A 33 -13.97 -14.00 -35.56
CA GLU A 33 -12.99 -14.25 -36.59
C GLU A 33 -12.03 -15.35 -36.24
N GLY A 34 -12.21 -16.47 -36.92
CA GLY A 34 -11.43 -17.63 -36.64
C GLY A 34 -12.08 -18.42 -35.52
N VAL A 35 -13.28 -18.11 -35.04
CA VAL A 35 -13.78 -18.98 -33.95
C VAL A 35 -15.31 -19.24 -33.97
N HIS A 36 -15.86 -19.96 -32.99
CA HIS A 36 -17.30 -20.26 -32.90
C HIS A 36 -18.28 -19.21 -32.35
N VAL A 37 -19.32 -18.77 -33.07
CA VAL A 37 -20.27 -17.77 -32.52
C VAL A 37 -21.68 -18.41 -32.42
N PRO A 38 -22.38 -18.27 -31.30
CA PRO A 38 -23.71 -18.87 -31.22
C PRO A 38 -24.86 -17.88 -31.31
N ALA A 39 -26.05 -18.36 -31.67
CA ALA A 39 -27.27 -17.57 -31.80
C ALA A 39 -27.04 -16.21 -32.46
N GLU A 46 -36.39 -5.44 -22.28
CA GLU A 46 -37.03 -5.00 -21.06
C GLU A 46 -38.52 -5.45 -21.13
N ALA A 47 -38.75 -6.67 -21.64
CA ALA A 47 -40.03 -7.42 -21.69
C ALA A 47 -40.80 -7.61 -20.39
N TYR A 48 -40.20 -7.23 -19.27
CA TYR A 48 -40.83 -7.31 -17.95
C TYR A 48 -41.34 -5.93 -17.54
N LYS A 49 -41.26 -5.00 -18.48
CA LYS A 49 -41.63 -3.62 -18.33
C LYS A 49 -43.08 -3.53 -17.94
N ARG A 50 -43.78 -4.50 -18.50
CA ARG A 50 -45.18 -4.71 -18.33
C ARG A 50 -45.40 -5.54 -17.09
N THR A 51 -44.38 -5.67 -16.26
CA THR A 51 -44.55 -6.46 -15.04
C THR A 51 -45.58 -5.73 -14.23
N LEU A 52 -45.53 -4.42 -14.29
CA LEU A 52 -46.49 -3.58 -13.60
C LEU A 52 -47.89 -4.06 -13.89
N GLU A 57 -51.74 -5.29 -8.93
CA GLU A 57 -51.28 -5.65 -7.59
C GLU A 57 -49.80 -5.38 -7.40
N PHE A 58 -49.00 -5.86 -8.37
CA PHE A 58 -47.54 -5.82 -8.32
C PHE A 58 -46.91 -4.53 -7.79
N THR A 59 -47.44 -3.39 -8.23
CA THR A 59 -46.83 -2.10 -7.93
C THR A 59 -46.94 -1.71 -6.45
N GLN A 60 -48.06 -2.08 -5.82
CA GLN A 60 -48.30 -1.74 -4.40
C GLN A 60 -47.20 -2.27 -3.50
N LEU A 61 -46.80 -3.52 -3.75
CA LEU A 61 -45.80 -4.19 -2.93
C LEU A 61 -44.48 -3.43 -2.95
N LEU A 62 -44.01 -3.08 -4.14
CA LEU A 62 -42.69 -2.49 -4.34
C LEU A 62 -42.43 -1.21 -3.54
N GLN A 63 -43.47 -0.42 -3.34
CA GLN A 63 -43.36 0.83 -2.59
C GLN A 63 -43.37 0.56 -1.09
N ARG A 64 -43.59 -0.71 -0.75
CA ARG A 64 -43.54 -1.19 0.62
C ARG A 64 -42.08 -1.56 0.93
N LEU A 65 -41.32 -1.86 -0.12
CA LEU A 65 -39.91 -2.23 -0.03
C LEU A 65 -39.03 -1.01 0.18
N SER A 66 -39.57 0.14 -0.23
CA SER A 66 -38.92 1.41 -0.01
C SER A 66 -38.79 1.60 1.50
N SER A 67 -39.79 1.15 2.25
CA SER A 67 -39.78 1.29 3.70
C SER A 67 -38.56 0.59 4.30
N ALA A 75 -36.04 -8.32 8.69
CA ALA A 75 -37.26 -7.56 8.55
C ALA A 75 -38.39 -8.37 7.92
N ILE A 76 -39.29 -7.69 7.22
CA ILE A 76 -40.42 -8.35 6.56
C ILE A 76 -39.97 -8.84 5.21
N ARG A 77 -39.27 -9.95 5.19
CA ARG A 77 -38.78 -10.50 3.94
C ARG A 77 -39.81 -11.41 3.31
N GLU A 78 -40.97 -11.46 3.95
CA GLU A 78 -42.09 -12.26 3.48
C GLU A 78 -42.43 -11.75 2.10
N ILE A 79 -42.28 -10.44 1.93
CA ILE A 79 -42.56 -9.79 0.66
C ILE A 79 -42.05 -10.60 -0.48
N SER A 80 -40.76 -10.91 -0.49
CA SER A 80 -40.30 -11.61 -1.66
C SER A 80 -41.34 -12.70 -1.90
N GLU A 81 -42.02 -13.10 -0.82
CA GLU A 81 -42.95 -14.22 -0.86
C GLU A 81 -44.02 -14.04 -1.91
N THR A 82 -44.57 -12.85 -2.05
CA THR A 82 -45.55 -12.71 -3.13
C THR A 82 -45.03 -12.02 -4.37
N ILE A 83 -44.02 -11.17 -4.19
CA ILE A 83 -43.44 -10.46 -5.31
C ILE A 83 -42.86 -11.53 -6.19
N ARG A 84 -42.27 -12.53 -5.54
CA ARG A 84 -41.65 -13.65 -6.23
C ARG A 84 -42.56 -14.85 -6.48
N THR A 85 -43.80 -14.84 -6.00
CA THR A 85 -44.62 -16.02 -6.25
C THR A 85 -45.51 -15.70 -7.45
N LEU A 86 -45.70 -14.40 -7.66
CA LEU A 86 -46.48 -13.90 -8.77
C LEU A 86 -45.60 -13.98 -10.02
N ILE A 87 -44.28 -13.95 -9.79
CA ILE A 87 -43.32 -14.06 -10.89
C ILE A 87 -43.67 -15.34 -11.62
N GLN A 88 -43.81 -16.41 -10.86
CA GLN A 88 -44.20 -17.69 -11.41
C GLN A 88 -45.62 -17.49 -11.91
N HIS A 89 -46.27 -16.54 -11.25
CA HIS A 89 -47.62 -16.09 -11.51
C HIS A 89 -47.64 -14.99 -12.55
N THR A 90 -46.49 -14.65 -13.10
CA THR A 90 -46.43 -13.62 -14.11
C THR A 90 -46.99 -14.28 -15.36
N GLN A 91 -48.10 -13.77 -15.91
CA GLN A 91 -48.65 -14.39 -17.08
C GLN A 91 -48.13 -13.56 -18.24
N ILE A 92 -47.56 -14.20 -19.24
CA ILE A 92 -47.02 -13.44 -20.36
C ILE A 92 -48.15 -13.13 -21.33
N PRO A 93 -48.43 -11.85 -21.49
CA PRO A 93 -49.46 -11.46 -22.44
C PRO A 93 -48.83 -11.89 -23.75
N SER A 94 -49.60 -12.50 -24.62
CA SER A 94 -49.04 -12.94 -25.89
C SER A 94 -48.73 -11.65 -26.62
N GLU A 95 -49.29 -10.56 -26.08
CA GLU A 95 -49.15 -9.27 -26.71
C GLU A 95 -47.93 -9.40 -27.56
N ILE A 96 -47.05 -10.32 -27.20
CA ILE A 96 -45.91 -10.42 -28.13
C ILE A 96 -45.26 -11.79 -28.36
N ALA A 97 -45.63 -12.84 -27.62
CA ALA A 97 -44.87 -14.06 -27.65
C ALA A 97 -44.62 -14.50 -29.08
N SER A 98 -45.62 -14.47 -29.95
CA SER A 98 -45.35 -14.90 -31.30
C SER A 98 -44.08 -14.20 -31.76
N TYR A 99 -43.90 -12.94 -31.34
CA TYR A 99 -42.71 -12.20 -31.74
C TYR A 99 -41.56 -13.01 -31.21
N MET A 100 -41.79 -13.45 -29.99
CA MET A 100 -40.79 -14.20 -29.29
C MET A 100 -40.56 -15.42 -30.11
N ASP A 101 -41.62 -16.03 -30.56
CA ASP A 101 -41.47 -17.22 -31.37
C ASP A 101 -41.49 -16.89 -32.84
N ALA A 102 -41.44 -15.61 -33.11
CA ALA A 102 -41.38 -15.07 -34.44
C ALA A 102 -39.92 -14.73 -34.68
N THR A 103 -39.03 -15.18 -33.78
CA THR A 103 -37.62 -14.91 -33.93
C THR A 103 -36.80 -16.15 -33.77
N LEU A 104 -37.15 -16.95 -32.77
CA LEU A 104 -36.43 -18.19 -32.50
C LEU A 104 -36.88 -19.30 -33.45
N LEU A 105 -37.78 -18.97 -34.36
CA LEU A 105 -38.30 -19.93 -35.32
C LEU A 105 -37.18 -20.46 -36.22
N ASP A 106 -36.29 -19.57 -36.64
CA ASP A 106 -35.18 -19.94 -37.50
C ASP A 106 -34.25 -20.93 -36.80
N VAL A 107 -34.00 -20.70 -35.53
CA VAL A 107 -33.13 -21.57 -34.74
C VAL A 107 -33.63 -23.01 -34.75
N GLY A 142 -40.36 -25.53 -25.19
CA GLY A 142 -40.29 -24.31 -25.97
C GLY A 142 -40.89 -23.16 -25.17
N LYS A 143 -42.15 -22.85 -25.45
CA LYS A 143 -42.89 -21.79 -24.77
C LYS A 143 -43.03 -22.10 -23.28
N ASP A 144 -43.27 -23.37 -22.96
CA ASP A 144 -43.42 -23.76 -21.57
C ASP A 144 -42.10 -23.45 -20.89
N ALA A 145 -41.02 -23.71 -21.63
CA ALA A 145 -39.67 -23.48 -21.16
C ALA A 145 -39.36 -22.02 -20.96
N LEU A 146 -39.81 -21.19 -21.89
CA LEU A 146 -39.56 -19.77 -21.80
C LEU A 146 -40.24 -19.30 -20.55
N LEU A 147 -41.42 -19.84 -20.31
CA LEU A 147 -42.20 -19.46 -19.14
C LEU A 147 -41.48 -19.78 -17.86
N GLN A 148 -40.95 -21.00 -17.72
CA GLN A 148 -40.36 -21.41 -16.47
C GLN A 148 -39.22 -20.53 -16.04
N HIS A 149 -38.48 -20.06 -17.01
CA HIS A 149 -37.32 -19.26 -16.68
C HIS A 149 -37.57 -17.77 -16.85
N ILE A 150 -38.23 -17.39 -17.94
CA ILE A 150 -38.55 -16.00 -18.11
C ILE A 150 -39.08 -15.52 -16.78
N SER A 151 -39.95 -16.32 -16.21
CA SER A 151 -40.51 -16.11 -14.91
C SER A 151 -39.40 -16.41 -13.93
N MET A 152 -38.59 -17.40 -14.28
CA MET A 152 -37.50 -17.80 -13.41
C MET A 152 -36.53 -16.67 -13.20
N CYS A 153 -36.20 -16.01 -14.28
CA CYS A 153 -35.27 -14.92 -14.23
C CYS A 153 -35.86 -13.76 -13.44
N TRP A 154 -37.13 -13.48 -13.63
CA TRP A 154 -37.75 -12.38 -12.91
C TRP A 154 -37.68 -12.67 -11.42
N ALA A 155 -38.01 -13.88 -11.03
CA ALA A 155 -37.96 -14.17 -9.62
C ALA A 155 -36.58 -13.83 -9.14
N SER A 156 -35.62 -13.83 -10.05
CA SER A 156 -34.25 -13.55 -9.68
C SER A 156 -34.14 -12.20 -9.04
N LEU A 157 -34.98 -11.28 -9.46
CA LEU A 157 -34.91 -9.95 -8.89
C LEU A 157 -35.29 -9.94 -7.43
N PHE A 158 -36.08 -10.92 -7.02
CA PHE A 158 -36.55 -11.01 -5.64
C PHE A 158 -35.88 -11.24 -4.28
N THR A 159 -35.12 -12.31 -4.17
CA THR A 159 -34.18 -12.61 -3.08
C THR A 159 -32.73 -12.08 -3.06
N GLU A 160 -32.07 -11.96 -4.20
CA GLU A 160 -30.70 -11.53 -4.16
C GLU A 160 -30.65 -10.12 -3.64
N ARG A 161 -31.18 -9.21 -4.44
CA ARG A 161 -31.21 -7.80 -4.07
C ARG A 161 -31.38 -7.67 -2.56
N ALA A 162 -32.25 -8.50 -2.00
CA ALA A 162 -32.51 -8.48 -0.57
C ALA A 162 -31.23 -8.86 0.18
N ILE A 163 -30.53 -9.86 -0.35
CA ILE A 163 -29.29 -10.32 0.25
C ILE A 163 -28.25 -9.20 0.24
N ILE A 164 -28.20 -8.46 -0.86
CA ILE A 164 -27.26 -7.36 -1.01
C ILE A 164 -27.97 -6.02 -1.09
N HIS A 173 -29.62 0.34 -4.06
CA HIS A 173 -30.49 -0.48 -4.90
C HIS A 173 -31.45 0.39 -5.70
N ARG A 174 -31.67 0.05 -6.96
CA ARG A 174 -32.54 0.86 -7.80
C ARG A 174 -33.63 0.04 -8.44
N LYS A 175 -34.80 0.65 -8.58
CA LYS A 175 -35.92 -0.07 -9.18
C LYS A 175 -35.77 0.03 -10.68
N VAL A 176 -34.68 -0.53 -11.20
CA VAL A 176 -34.45 -0.55 -12.65
C VAL A 176 -34.34 -2.03 -12.99
N GLN A 177 -34.31 -2.40 -14.27
CA GLN A 177 -34.28 -3.84 -14.58
C GLN A 177 -33.24 -4.50 -15.52
N LEU A 178 -32.97 -5.76 -15.17
CA LEU A 178 -32.14 -6.77 -15.82
C LEU A 178 -32.94 -7.56 -16.87
N ALA A 179 -32.35 -7.92 -18.00
CA ALA A 179 -33.08 -8.72 -19.01
C ALA A 179 -32.54 -10.15 -19.14
N VAL A 180 -33.30 -10.97 -19.86
CA VAL A 180 -33.03 -12.38 -20.09
C VAL A 180 -32.32 -12.72 -21.40
N VAL A 181 -31.34 -13.63 -21.37
CA VAL A 181 -30.71 -14.01 -22.62
C VAL A 181 -30.95 -15.50 -22.92
N ILE A 182 -31.35 -15.75 -24.15
CA ILE A 182 -31.60 -17.11 -24.63
C ILE A 182 -30.58 -17.59 -25.67
N GLN A 183 -30.05 -18.79 -25.42
CA GLN A 183 -29.04 -19.42 -26.27
C GLN A 183 -29.12 -20.95 -26.19
N GLN A 184 -28.42 -21.64 -27.10
CA GLN A 184 -28.43 -23.11 -27.12
C GLN A 184 -27.23 -23.86 -26.55
N MET A 185 -27.55 -25.05 -26.03
CA MET A 185 -26.68 -26.02 -25.35
C MET A 185 -25.89 -26.95 -26.30
N ILE A 186 -24.60 -27.07 -26.12
CA ILE A 186 -23.89 -28.01 -26.97
C ILE A 186 -22.86 -28.81 -26.20
N SER A 187 -22.09 -29.64 -26.89
CA SER A 187 -21.15 -30.49 -26.16
C SER A 187 -19.91 -30.95 -26.89
N PRO A 188 -18.91 -31.47 -26.10
CA PRO A 188 -17.73 -31.90 -26.81
C PRO A 188 -17.50 -33.39 -26.57
N SER A 191 -13.76 -29.68 -21.38
CA SER A 191 -13.76 -28.22 -21.31
C SER A 191 -13.17 -27.68 -20.01
N GLY A 192 -12.51 -26.54 -20.12
CA GLY A 192 -11.90 -25.85 -19.00
C GLY A 192 -12.18 -24.36 -19.09
N ILE A 193 -11.12 -23.56 -19.18
CA ILE A 193 -11.26 -22.11 -19.28
C ILE A 193 -9.97 -21.52 -19.85
N LEU A 194 -10.06 -20.33 -20.44
CA LEU A 194 -8.84 -19.70 -21.01
C LEU A 194 -8.44 -18.46 -20.18
N PHE A 195 -7.18 -18.33 -19.78
CA PHE A 195 -6.76 -17.13 -19.04
C PHE A 195 -5.76 -16.42 -19.97
N THR A 196 -5.91 -15.13 -20.24
CA THR A 196 -5.01 -14.52 -21.20
C THR A 196 -3.66 -14.14 -20.56
N ALA A 197 -3.71 -13.81 -19.26
CA ALA A 197 -2.51 -13.63 -18.44
C ALA A 197 -2.56 -14.64 -17.31
N ASP A 198 -1.43 -15.18 -16.88
CA ASP A 198 -1.50 -16.24 -15.87
C ASP A 198 -1.95 -15.66 -14.51
N PRO A 199 -2.59 -16.49 -13.68
CA PRO A 199 -3.12 -16.01 -12.40
C PRO A 199 -2.06 -16.03 -11.32
N ILE A 200 -1.06 -16.90 -11.48
CA ILE A 200 -0.06 -17.11 -10.45
C ILE A 200 0.86 -15.89 -10.29
N THR A 201 1.43 -15.42 -11.40
CA THR A 201 2.39 -14.33 -11.33
C THR A 201 1.97 -13.09 -12.10
N SER A 202 0.86 -13.20 -12.84
CA SER A 202 0.30 -12.10 -13.64
C SER A 202 1.20 -11.71 -14.82
N ASN A 203 1.78 -12.73 -15.47
CA ASN A 203 2.61 -12.50 -16.65
C ASN A 203 1.74 -12.39 -17.90
N ARG A 204 1.79 -11.24 -18.56
CA ARG A 204 0.93 -10.98 -19.72
C ARG A 204 1.25 -11.89 -20.90
N LYS A 205 2.48 -12.38 -20.96
CA LYS A 205 2.93 -13.18 -22.10
C LYS A 205 2.62 -14.66 -21.91
N SER A 206 2.86 -15.15 -20.70
CA SER A 206 2.50 -16.53 -20.33
C SER A 206 0.99 -16.63 -20.12
N LEU A 207 0.45 -17.77 -20.50
CA LEU A 207 -0.97 -17.99 -20.36
C LEU A 207 -1.23 -19.40 -19.84
N SER A 208 -2.40 -19.61 -19.24
CA SER A 208 -2.71 -20.86 -18.58
C SER A 208 -4.17 -21.19 -18.77
N ILE A 209 -4.48 -22.46 -19.03
CA ILE A 209 -5.87 -22.89 -19.23
C ILE A 209 -6.18 -24.13 -18.40
N ASP A 210 -7.42 -24.23 -17.95
CA ASP A 210 -7.86 -25.36 -17.14
C ASP A 210 -8.78 -26.28 -17.94
N ASP A 227 -5.91 -30.63 -14.06
CA ASP A 227 -5.96 -30.35 -15.48
C ASP A 227 -5.73 -28.83 -15.66
N SER A 228 -4.55 -28.47 -16.16
CA SER A 228 -4.20 -27.08 -16.46
C SER A 228 -2.92 -27.03 -17.34
N TYR A 229 -2.76 -26.01 -18.18
CA TYR A 229 -1.56 -25.91 -19.06
C TYR A 229 -0.86 -24.57 -19.03
N THR A 230 0.48 -24.52 -19.10
CA THR A 230 1.09 -23.20 -19.01
C THR A 230 1.92 -22.91 -20.25
N VAL A 231 1.48 -22.00 -21.10
CA VAL A 231 2.24 -21.73 -22.30
C VAL A 231 2.69 -20.31 -22.38
N ARG A 232 3.86 -20.07 -22.97
CA ARG A 232 4.35 -18.70 -23.10
C ARG A 232 3.84 -18.18 -24.45
N GLU A 233 4.35 -18.78 -25.50
CA GLU A 233 3.94 -18.57 -26.88
C GLU A 233 4.38 -19.81 -27.65
N ASN A 234 3.49 -20.77 -27.91
CA ASN A 234 3.97 -21.87 -28.65
C ASN A 234 5.10 -22.57 -27.98
N THR A 235 5.09 -22.57 -26.66
CA THR A 235 6.03 -23.37 -25.92
C THR A 235 5.32 -23.51 -24.60
N ILE A 236 5.38 -24.68 -23.99
CA ILE A 236 4.67 -24.86 -22.72
C ILE A 236 5.68 -25.04 -21.63
N THR A 237 5.60 -24.23 -20.59
CA THR A 237 6.58 -24.38 -19.51
C THR A 237 6.50 -25.63 -18.65
N ASN A 238 5.31 -25.94 -18.17
CA ASN A 238 5.04 -27.11 -17.34
C ASN A 238 3.86 -27.92 -17.86
N LYS A 239 3.94 -29.24 -17.71
CA LYS A 239 2.84 -30.13 -18.02
C LYS A 239 2.38 -30.87 -16.77
N ILE A 240 1.17 -30.60 -16.33
CA ILE A 240 0.66 -31.23 -15.13
C ILE A 240 -0.73 -31.79 -15.35
N ILE A 241 -0.87 -33.06 -14.98
CA ILE A 241 -2.11 -33.82 -15.07
C ILE A 241 -3.17 -33.33 -14.08
N ASP A 273 -2.57 -32.92 -27.00
CA ASP A 273 -1.59 -32.00 -26.46
C ASP A 273 -0.85 -31.27 -27.55
N GLN A 274 -1.57 -30.86 -28.59
CA GLN A 274 -1.00 -30.12 -29.68
C GLN A 274 -2.11 -29.20 -30.12
N GLN A 275 -3.33 -29.62 -29.84
CA GLN A 275 -4.50 -28.79 -30.09
C GLN A 275 -4.82 -27.76 -29.03
N ILE A 276 -4.10 -27.83 -27.92
CA ILE A 276 -4.30 -26.91 -26.84
C ILE A 276 -3.53 -25.66 -27.25
N ILE A 277 -2.38 -25.89 -27.88
CA ILE A 277 -1.51 -24.84 -28.42
C ILE A 277 -2.22 -24.12 -29.56
N GLN A 278 -3.00 -24.83 -30.36
CA GLN A 278 -3.72 -24.18 -31.45
C GLN A 278 -4.62 -23.20 -30.77
N LEU A 279 -5.18 -23.63 -29.65
CA LEU A 279 -6.07 -22.79 -28.87
C LEU A 279 -5.40 -21.54 -28.31
N ALA A 280 -4.24 -21.65 -27.75
CA ALA A 280 -3.71 -20.48 -27.11
C ALA A 280 -3.87 -19.32 -28.05
N LYS A 281 -3.81 -19.63 -29.33
CA LYS A 281 -3.82 -18.55 -30.34
C LYS A 281 -5.17 -17.85 -30.60
N LEU A 282 -6.24 -18.40 -30.04
CA LEU A 282 -7.59 -17.86 -30.21
C LEU A 282 -7.92 -16.67 -29.28
N GLY A 283 -7.51 -16.80 -28.02
CA GLY A 283 -7.68 -15.82 -26.97
C GLY A 283 -6.91 -14.55 -27.29
N ARG A 284 -5.63 -14.73 -27.61
CA ARG A 284 -4.75 -13.61 -27.95
C ARG A 284 -5.26 -12.84 -29.17
N LYS A 285 -6.13 -13.46 -29.96
CA LYS A 285 -6.78 -12.78 -31.06
C LYS A 285 -7.86 -11.83 -30.54
N ILE A 286 -8.81 -12.38 -29.77
CA ILE A 286 -9.93 -11.58 -29.28
C ILE A 286 -9.51 -10.66 -28.14
N GLU A 287 -8.31 -10.88 -27.63
CA GLU A 287 -7.75 -10.02 -26.60
C GLU A 287 -7.52 -8.63 -27.20
N ALA A 288 -7.04 -8.62 -28.45
CA ALA A 288 -6.76 -7.39 -29.18
C ALA A 288 -8.04 -6.64 -29.52
N TYR A 289 -9.16 -7.37 -29.62
CA TYR A 289 -10.44 -6.74 -29.91
C TYR A 289 -10.96 -5.91 -28.71
N PHE A 290 -10.43 -6.15 -27.53
CA PHE A 290 -10.76 -5.28 -26.41
C PHE A 290 -9.51 -4.63 -25.86
N GLY A 291 -8.35 -5.11 -26.31
CA GLY A 291 -7.07 -4.60 -25.84
C GLY A 291 -6.69 -5.21 -24.50
N LYS A 292 -7.68 -5.36 -23.63
CA LYS A 292 -7.49 -5.90 -22.30
C LYS A 292 -7.28 -7.42 -22.32
N PRO A 293 -6.44 -7.92 -21.40
CA PRO A 293 -6.38 -9.36 -21.14
C PRO A 293 -7.73 -9.83 -20.63
N GLN A 294 -8.28 -10.91 -21.19
CA GLN A 294 -9.67 -11.26 -20.93
C GLN A 294 -9.90 -12.70 -20.46
N ASP A 295 -11.11 -12.92 -19.96
CA ASP A 295 -11.59 -14.23 -19.49
C ASP A 295 -12.83 -14.63 -20.31
N ILE A 296 -12.62 -15.60 -21.20
CA ILE A 296 -13.63 -16.23 -22.04
C ILE A 296 -13.44 -17.72 -21.75
N GLU A 297 -14.52 -18.48 -21.61
CA GLU A 297 -14.45 -19.92 -21.32
C GLU A 297 -14.94 -20.71 -22.55
N TRP A 298 -14.18 -21.70 -23.00
CA TRP A 298 -14.58 -22.49 -24.19
C TRP A 298 -14.90 -23.96 -23.87
N CYS A 299 -16.02 -24.48 -24.37
CA CYS A 299 -16.37 -25.86 -24.11
C CYS A 299 -16.67 -26.51 -25.46
N PHE A 305 -14.19 -25.53 -29.70
CA PHE A 305 -13.98 -24.12 -29.44
C PHE A 305 -15.25 -23.32 -29.70
N TYR A 306 -16.14 -23.30 -28.72
CA TYR A 306 -17.40 -22.56 -28.80
C TYR A 306 -17.59 -21.78 -27.52
N ILE A 307 -17.37 -20.46 -27.60
CA ILE A 307 -17.49 -19.60 -26.43
C ILE A 307 -18.86 -18.92 -26.29
N VAL A 308 -19.45 -19.09 -25.11
CA VAL A 308 -20.73 -18.48 -24.79
C VAL A 308 -20.59 -17.05 -24.31
N GLN A 309 -19.70 -16.86 -23.33
CA GLN A 309 -19.51 -15.57 -22.64
C GLN A 309 -18.09 -14.99 -22.59
N SER A 310 -18.00 -13.70 -22.27
CA SER A 310 -16.73 -12.97 -22.24
C SER A 310 -16.71 -11.82 -21.23
N ARG A 311 -15.53 -11.56 -20.71
CA ARG A 311 -15.27 -10.49 -19.74
C ARG A 311 -13.77 -10.30 -19.49
N PRO A 312 -13.37 -9.06 -19.17
CA PRO A 312 -11.96 -8.73 -18.91
C PRO A 312 -11.48 -9.23 -17.55
N ILE A 313 -10.17 -9.37 -17.40
CA ILE A 313 -9.56 -9.70 -16.12
C ILE A 313 -9.31 -8.44 -15.32
N THR A 314 -9.87 -8.38 -14.11
CA THR A 314 -9.84 -7.16 -13.30
C THR A 314 -8.90 -7.25 -12.10
N THR A 315 -8.22 -8.38 -11.95
CA THR A 315 -7.40 -8.61 -10.76
C THR A 315 -5.91 -8.35 -10.99
N LEU A 316 -5.51 -8.14 -12.25
CA LEU A 316 -4.11 -7.96 -12.58
C LEU A 316 -3.55 -6.64 -12.03
N TYR A 317 -2.28 -6.67 -11.64
CA TYR A 317 -1.61 -5.47 -11.18
C TYR A 317 -1.07 -4.69 -12.38
N PRO A 318 -1.48 -3.43 -12.51
CA PRO A 318 -1.16 -2.58 -13.66
C PRO A 318 0.34 -2.46 -13.95
N ILE A 319 0.68 -2.38 -15.23
CA ILE A 319 2.05 -2.17 -15.67
C ILE A 319 2.30 -0.68 -15.83
N PRO A 320 3.43 -0.18 -15.30
CA PRO A 320 3.77 1.24 -15.44
C PRO A 320 3.79 1.67 -16.91
N GLU A 321 2.94 2.64 -17.26
CA GLU A 321 2.90 3.14 -18.64
C GLU A 321 4.28 3.76 -18.87
N VAL A 322 5.13 3.01 -19.55
CA VAL A 322 6.44 3.50 -19.94
C VAL A 322 6.74 2.83 -21.28
N ASN A 323 6.74 3.62 -22.34
CA ASN A 323 6.98 3.09 -23.66
C ASN A 323 8.40 3.34 -24.14
N GLU A 324 9.35 3.18 -23.22
CA GLU A 324 10.76 3.17 -23.56
C GLU A 324 11.15 1.73 -23.92
N PRO A 325 12.00 1.57 -24.95
CA PRO A 325 12.27 0.30 -25.63
C PRO A 325 12.42 -0.93 -24.73
N GLY A 326 11.69 -1.98 -25.08
CA GLY A 326 11.94 -3.31 -24.55
C GLY A 326 11.47 -3.63 -23.15
N ASN A 327 11.96 -4.76 -22.64
CA ASN A 327 11.63 -5.22 -21.30
C ASN A 327 12.27 -4.36 -20.23
N ARG A 328 11.47 -3.99 -19.22
CA ARG A 328 11.95 -3.14 -18.13
C ARG A 328 11.77 -3.82 -16.78
N VAL A 329 12.58 -3.41 -15.81
CA VAL A 329 12.48 -3.93 -14.44
C VAL A 329 12.26 -2.80 -13.46
N TYR A 330 11.26 -2.94 -12.60
CA TYR A 330 10.89 -1.88 -11.66
C TYR A 330 11.06 -2.30 -10.19
N ILE A 331 11.51 -1.37 -9.36
CA ILE A 331 11.67 -1.60 -7.93
C ILE A 331 10.54 -0.96 -7.14
N SER A 332 9.98 -1.71 -6.19
CA SER A 332 8.87 -1.21 -5.39
C SER A 332 9.33 -0.13 -4.40
N VAL A 333 8.77 1.07 -4.54
CA VAL A 333 9.02 2.15 -3.60
C VAL A 333 8.38 1.85 -2.25
N ALA A 334 7.19 1.26 -2.29
CA ALA A 334 6.42 0.92 -1.10
C ALA A 334 7.23 0.12 -0.08
N HIS A 335 8.06 -0.80 -0.57
CA HIS A 335 8.84 -1.65 0.31
C HIS A 335 9.97 -0.88 1.00
N GLN A 336 10.62 0.01 0.26
CA GLN A 336 11.71 0.80 0.81
C GLN A 336 11.17 1.92 1.70
N GLN A 337 9.96 2.37 1.41
CA GLN A 337 9.37 3.50 2.11
C GLN A 337 8.51 3.05 3.30
N MET A 338 8.41 1.73 3.49
CA MET A 338 7.61 1.16 4.58
C MET A 338 6.17 1.64 4.55
N MET A 339 5.55 1.58 3.36
CA MET A 339 4.16 1.97 3.14
C MET A 339 3.53 1.28 1.94
N THR A 340 2.60 0.36 2.09
CA THR A 340 2.05 -0.34 0.93
C THR A 340 0.69 0.17 0.48
N ASP A 341 0.15 1.15 1.18
CA ASP A 341 -1.17 1.70 0.84
C ASP A 341 -1.18 2.34 -0.53
N ALA A 342 -2.30 2.21 -1.23
CA ALA A 342 -2.45 2.87 -2.52
C ALA A 342 -2.52 4.37 -2.31
N MET A 343 -1.86 5.11 -3.19
CA MET A 343 -1.82 6.56 -3.07
C MET A 343 -2.68 7.20 -4.15
N LYS A 344 -3.34 8.31 -3.80
CA LYS A 344 -4.16 9.06 -4.74
C LYS A 344 -3.30 9.88 -5.70
N PRO A 345 -3.77 10.05 -6.94
CA PRO A 345 -3.05 10.74 -8.03
C PRO A 345 -2.28 12.00 -7.60
N LEU A 346 -2.93 12.90 -6.86
CA LEU A 346 -2.27 14.14 -6.47
C LEU A 346 -1.09 13.85 -5.56
N GLY A 347 -1.28 12.92 -4.63
CA GLY A 347 -0.22 12.51 -3.72
C GLY A 347 0.92 11.83 -4.44
N LEU A 348 0.59 10.98 -5.41
CA LEU A 348 1.59 10.33 -6.26
C LEU A 348 2.39 11.37 -7.03
N SER A 349 1.71 12.42 -7.47
CA SER A 349 2.33 13.46 -8.27
C SER A 349 3.44 14.19 -7.50
N PHE A 350 3.17 14.50 -6.24
CA PHE A 350 4.11 15.30 -5.46
C PHE A 350 5.37 14.52 -5.09
N TYR A 351 5.25 13.21 -4.96
CA TYR A 351 6.41 12.37 -4.72
C TYR A 351 7.25 12.29 -5.99
N LEU A 352 6.58 12.13 -7.13
CA LEU A 352 7.24 12.07 -8.43
C LEU A 352 7.94 13.39 -8.77
N MET A 353 7.36 14.50 -8.32
CA MET A 353 7.96 15.81 -8.57
C MET A 353 9.06 16.13 -7.57
N THR A 354 9.33 15.21 -6.65
CA THR A 354 10.38 15.41 -5.67
C THR A 354 11.59 14.52 -5.93
N THR A 355 11.34 13.27 -6.32
CA THR A 355 12.41 12.31 -6.50
C THR A 355 13.27 12.58 -7.73
N PRO A 356 14.59 12.43 -7.59
CA PRO A 356 15.54 12.52 -8.71
C PRO A 356 15.68 11.18 -9.43
N ALA A 357 15.00 10.16 -8.92
CA ALA A 357 15.07 8.82 -9.49
C ALA A 357 14.07 8.64 -10.62
N THR A 358 14.43 7.80 -11.60
CA THR A 358 13.52 7.50 -12.69
C THR A 358 12.36 6.69 -12.13
N MET A 359 11.35 7.39 -11.63
CA MET A 359 10.23 6.75 -10.95
C MET A 359 8.97 6.84 -11.79
N TYR A 360 8.10 5.83 -11.65
CA TYR A 360 6.80 5.83 -12.31
C TYR A 360 5.72 5.33 -11.36
N THR A 361 4.47 5.36 -11.80
CA THR A 361 3.35 4.93 -10.97
C THR A 361 2.58 3.79 -11.64
N ALA A 362 2.02 2.92 -10.81
CA ALA A 362 1.24 1.78 -11.29
C ALA A 362 0.47 1.17 -10.12
N GLY A 363 -0.84 0.99 -10.29
CA GLY A 363 -1.68 0.48 -9.23
C GLY A 363 -1.70 1.39 -8.01
N GLY A 364 -1.67 2.70 -8.26
CA GLY A 364 -1.75 3.68 -7.19
C GLY A 364 -0.52 3.72 -6.32
N ARG A 365 0.56 3.11 -6.80
CA ARG A 365 1.79 3.07 -6.03
C ARG A 365 2.99 3.40 -6.93
N LEU A 366 4.15 3.56 -6.32
CA LEU A 366 5.33 4.06 -7.04
C LEU A 366 6.37 2.97 -7.30
N PHE A 367 7.04 3.08 -8.44
CA PHE A 367 8.08 2.12 -8.82
C PHE A 367 9.26 2.82 -9.47
N VAL A 368 10.47 2.32 -9.23
CA VAL A 368 11.66 2.89 -9.81
C VAL A 368 12.25 1.99 -10.90
N ASP A 369 12.49 2.56 -12.07
CA ASP A 369 13.08 1.85 -13.20
C ASP A 369 14.60 1.73 -13.03
N ILE A 370 15.11 0.50 -13.10
CA ILE A 370 16.55 0.28 -12.97
C ILE A 370 17.09 -0.55 -14.13
N THR A 371 16.32 -0.61 -15.21
CA THR A 371 16.68 -1.42 -16.38
C THR A 371 18.01 -1.01 -17.00
N GLN A 372 18.25 0.29 -17.12
CA GLN A 372 19.49 0.78 -17.73
C GLN A 372 20.69 0.40 -16.88
N SER A 373 20.49 0.33 -15.57
CA SER A 373 21.57 -0.01 -14.66
C SER A 373 21.94 -1.49 -14.78
N LEU A 374 20.99 -2.28 -15.27
CA LEU A 374 21.19 -3.71 -15.43
C LEU A 374 21.81 -4.04 -16.80
N SER A 375 21.87 -3.08 -17.73
CA SER A 375 22.47 -3.37 -19.05
C SER A 375 23.99 -3.53 -18.96
N ALA A 376 24.68 -2.51 -18.49
CA ALA A 376 26.09 -2.72 -18.15
C ALA A 376 26.17 -3.66 -16.95
N LYS A 377 27.37 -4.09 -16.56
CA LYS A 377 27.46 -5.09 -15.51
C LYS A 377 28.13 -4.58 -14.23
N VAL A 378 29.08 -3.65 -14.34
CA VAL A 378 29.63 -3.04 -13.14
C VAL A 378 28.57 -2.09 -12.58
N SER A 379 27.69 -1.61 -13.45
CA SER A 379 26.51 -0.89 -13.01
C SER A 379 25.54 -1.87 -12.36
N ARG A 380 25.43 -3.05 -12.97
CA ARG A 380 24.56 -4.11 -12.47
C ARG A 380 25.03 -4.64 -11.13
N ASP A 381 26.31 -5.01 -11.04
CA ASP A 381 26.86 -5.58 -9.82
C ASP A 381 26.96 -4.57 -8.68
N MET A 382 26.84 -3.29 -9.02
CA MET A 382 26.84 -2.25 -8.00
C MET A 382 25.40 -1.94 -7.57
N MET A 383 24.45 -2.38 -8.38
CA MET A 383 23.04 -2.18 -8.07
C MET A 383 22.45 -3.40 -7.37
N VAL A 384 22.80 -4.57 -7.87
CA VAL A 384 22.30 -5.82 -7.31
C VAL A 384 22.84 -6.04 -5.89
N ASN A 385 24.14 -5.83 -5.71
CA ASN A 385 24.79 -6.02 -4.42
C ASN A 385 24.38 -4.98 -3.40
N SER A 386 24.21 -3.73 -3.83
CA SER A 386 23.84 -2.64 -2.93
C SER A 386 22.41 -2.81 -2.40
N LEU A 387 21.49 -3.13 -3.30
CA LEU A 387 20.10 -3.35 -2.92
C LEU A 387 19.94 -4.60 -2.05
N GLY A 388 20.87 -5.53 -2.21
CA GLY A 388 20.85 -6.76 -1.44
C GLY A 388 21.21 -6.53 0.02
N GLN A 389 21.82 -5.40 0.31
CA GLN A 389 22.23 -5.09 1.67
C GLN A 389 21.22 -4.21 2.39
N SER A 390 20.16 -3.81 1.68
CA SER A 390 19.01 -3.18 2.31
C SER A 390 18.00 -4.27 2.67
N ASP A 391 17.79 -5.18 1.73
CA ASP A 391 17.05 -6.42 1.98
C ASP A 391 17.39 -7.46 0.92
N PRO A 392 17.81 -8.65 1.37
CA PRO A 392 18.24 -9.76 0.51
C PRO A 392 17.20 -10.24 -0.51
N LEU A 393 15.93 -9.91 -0.30
CA LEU A 393 14.87 -10.36 -1.19
C LEU A 393 14.88 -9.63 -2.52
N ILE A 394 15.41 -8.41 -2.53
CA ILE A 394 15.59 -7.67 -3.77
C ILE A 394 16.59 -8.39 -4.67
N LYS A 395 17.76 -8.70 -4.10
CA LYS A 395 18.84 -9.33 -4.84
C LYS A 395 18.42 -10.68 -5.41
N ASP A 396 17.76 -11.49 -4.59
CA ASP A 396 17.34 -12.82 -5.03
C ASP A 396 16.32 -12.71 -6.15
N ALA A 397 15.50 -11.66 -6.10
CA ALA A 397 14.49 -11.43 -7.13
C ALA A 397 15.14 -10.94 -8.41
N LEU A 398 16.09 -10.03 -8.27
CA LEU A 398 16.84 -9.49 -9.41
C LEU A 398 17.62 -10.59 -10.13
N LEU A 399 18.29 -11.46 -9.37
CA LEU A 399 19.07 -12.55 -9.95
C LEU A 399 18.18 -13.53 -10.70
N THR A 400 16.92 -13.62 -10.28
CA THR A 400 15.96 -14.49 -10.95
C THR A 400 15.54 -13.89 -12.29
N VAL A 401 15.32 -12.58 -12.30
CA VAL A 401 14.98 -11.85 -13.52
C VAL A 401 16.11 -11.95 -14.54
N ILE A 402 17.34 -11.83 -14.05
CA ILE A 402 18.52 -11.96 -14.90
C ILE A 402 18.61 -13.38 -15.48
N ASN A 403 18.32 -14.37 -14.65
CA ASN A 403 18.37 -15.76 -15.10
C ASN A 403 17.25 -16.11 -16.06
N LYS A 404 16.25 -15.23 -16.18
CA LYS A 404 15.21 -15.41 -17.18
C LYS A 404 15.75 -15.05 -18.55
N LYS A 405 16.15 -16.07 -19.30
CA LYS A 405 16.75 -15.87 -20.62
C LYS A 405 15.71 -15.37 -21.62
N GLY A 406 16.09 -14.37 -22.41
CA GLY A 406 15.22 -13.83 -23.42
C GLY A 406 14.50 -12.57 -22.96
N PHE A 407 14.49 -12.35 -21.66
CA PHE A 407 13.83 -11.17 -21.10
C PHE A 407 14.78 -9.98 -21.08
N LEU A 408 15.70 -9.99 -20.13
CA LEU A 408 16.69 -8.91 -20.03
C LEU A 408 17.68 -9.03 -21.18
N PRO A 409 17.91 -7.94 -21.89
CA PRO A 409 18.87 -7.91 -23.01
C PRO A 409 20.36 -8.12 -22.66
N PRO A 410 21.00 -8.93 -23.49
CA PRO A 410 22.34 -9.46 -23.21
C PRO A 410 23.48 -8.52 -22.94
N LEU A 411 24.23 -8.81 -21.87
CA LEU A 411 25.38 -8.01 -21.53
C LEU A 411 26.36 -8.32 -22.67
N PRO A 412 27.12 -7.34 -23.13
CA PRO A 412 28.01 -7.66 -24.23
C PRO A 412 29.42 -7.79 -23.67
N THR A 413 30.15 -8.82 -24.07
CA THR A 413 31.50 -9.03 -23.54
C THR A 413 32.33 -7.77 -23.60
N VAL A 428 35.53 6.36 0.12
CA VAL A 428 35.24 6.89 1.45
C VAL A 428 34.55 8.25 1.38
N ARG A 429 33.37 8.33 1.99
CA ARG A 429 32.59 9.57 1.99
C ARG A 429 33.09 10.51 3.07
N SER A 430 32.76 11.79 2.93
CA SER A 430 33.19 12.80 3.90
C SER A 430 32.26 12.84 5.10
N ILE A 431 32.83 13.09 6.28
CA ILE A 431 32.05 13.19 7.50
C ILE A 431 32.01 14.64 7.99
N PRO A 432 30.81 15.22 8.09
CA PRO A 432 30.66 16.62 8.46
C PRO A 432 31.00 16.88 9.93
N ASP A 433 31.02 18.16 10.31
CA ASP A 433 31.34 18.53 11.69
C ASP A 433 30.21 18.16 12.64
N SER A 434 30.45 18.32 13.93
CA SER A 434 29.43 18.05 14.94
C SER A 434 28.33 19.10 14.87
N SER A 435 28.71 20.30 14.41
CA SER A 435 27.78 21.41 14.35
C SER A 435 26.88 21.34 13.12
N SER A 436 27.20 20.44 12.20
CA SER A 436 26.46 20.34 10.94
C SER A 436 25.01 19.89 11.14
N VAL A 437 24.81 18.85 11.95
CA VAL A 437 23.47 18.33 12.22
C VAL A 437 22.56 19.36 12.87
N PHE A 438 23.09 20.05 13.89
CA PHE A 438 22.34 21.10 14.56
C PHE A 438 21.94 22.19 13.56
N GLU A 439 22.85 22.51 12.65
CA GLU A 439 22.63 23.59 11.69
C GLU A 439 21.79 23.15 10.51
N LEU A 440 21.85 21.87 10.15
CA LEU A 440 21.00 21.31 9.11
C LEU A 440 19.54 21.35 9.52
N VAL A 441 19.28 21.09 10.80
CA VAL A 441 17.93 21.14 11.33
C VAL A 441 17.44 22.59 11.40
N ARG A 442 18.30 23.47 11.91
CA ARG A 442 17.99 24.89 11.98
C ARG A 442 17.69 25.45 10.59
N ASN A 443 18.54 25.10 9.63
CA ASN A 443 18.41 25.58 8.26
C ASN A 443 17.09 25.13 7.62
N SER A 444 16.69 23.91 7.94
CA SER A 444 15.44 23.35 7.42
C SER A 444 14.23 24.03 8.06
N GLU A 445 14.27 24.18 9.38
CA GLU A 445 13.19 24.83 10.13
C GLU A 445 12.87 26.21 9.58
N ASN A 446 13.90 27.02 9.35
CA ASN A 446 13.71 28.39 8.85
C ASN A 446 13.22 28.42 7.41
N SER A 447 13.57 27.39 6.64
CA SER A 447 13.07 27.26 5.28
C SER A 447 11.57 27.01 5.29
N ILE A 448 11.13 26.14 6.20
CA ILE A 448 9.70 25.89 6.39
C ILE A 448 8.98 27.16 6.82
N LYS A 449 9.62 27.90 7.72
CA LYS A 449 9.06 29.11 8.29
C LYS A 449 8.86 30.18 7.22
N HIS A 450 9.81 30.27 6.30
CA HIS A 450 9.71 31.22 5.20
C HIS A 450 8.63 30.82 4.21
N LEU A 451 8.61 29.54 3.86
CA LEU A 451 7.59 28.96 2.99
C LEU A 451 6.19 29.20 3.54
N LYS A 452 6.06 29.09 4.86
CA LYS A 452 4.77 29.24 5.51
C LYS A 452 4.24 30.66 5.35
N GLN A 453 5.16 31.63 5.31
CA GLN A 453 4.78 33.04 5.21
C GLN A 453 4.50 33.43 3.76
N SER A 454 5.23 32.82 2.83
CA SER A 454 5.13 33.17 1.43
C SER A 454 3.89 32.60 0.75
N ILE A 455 3.44 31.43 1.21
CA ILE A 455 2.35 30.73 0.57
C ILE A 455 0.98 31.26 1.02
N GLU A 456 0.98 32.06 2.08
CA GLU A 456 -0.26 32.58 2.63
C GLU A 456 -0.88 33.63 1.73
N THR A 457 -0.04 34.33 0.97
CA THR A 457 -0.48 35.42 0.10
C THR A 457 -0.69 34.97 -1.34
N LYS A 458 -0.58 33.67 -1.58
CA LYS A 458 -0.70 33.11 -2.92
C LYS A 458 -2.06 32.45 -3.15
N SER A 459 -2.56 32.56 -4.37
CA SER A 459 -3.85 31.96 -4.74
C SER A 459 -3.95 31.74 -6.25
N GLY A 460 -4.83 30.82 -6.65
CA GLY A 460 -5.07 30.55 -8.05
C GLY A 460 -3.83 30.05 -8.77
N SER A 461 -3.56 30.61 -9.94
CA SER A 461 -2.39 30.23 -10.72
C SER A 461 -1.10 30.60 -10.01
N ASP A 462 -1.12 31.68 -9.24
CA ASP A 462 0.06 32.13 -8.49
C ASP A 462 0.50 31.07 -7.49
N LEU A 463 -0.46 30.43 -6.86
CA LEU A 463 -0.19 29.37 -5.91
C LEU A 463 0.57 28.22 -6.56
N PHE A 464 0.14 27.83 -7.75
CA PHE A 464 0.77 26.70 -8.44
C PHE A 464 2.15 27.10 -8.98
N ASP A 465 2.28 28.35 -9.41
CA ASP A 465 3.58 28.86 -9.85
C ASP A 465 4.58 28.83 -8.70
N PHE A 466 4.08 29.13 -7.51
CA PHE A 466 4.92 29.18 -6.32
C PHE A 466 5.37 27.78 -5.87
N ILE A 467 4.46 26.81 -5.89
CA ILE A 467 4.79 25.46 -5.47
C ILE A 467 5.85 24.84 -6.39
N VAL A 468 5.76 25.14 -7.68
CA VAL A 468 6.73 24.63 -8.65
C VAL A 468 8.14 25.10 -8.33
N GLU A 469 8.28 26.35 -7.92
CA GLU A 469 9.60 26.89 -7.62
C GLU A 469 9.99 26.67 -6.16
N ASP A 470 9.05 26.18 -5.36
CA ASP A 470 9.36 25.86 -3.98
C ASP A 470 9.85 24.41 -3.88
N LEU A 471 9.41 23.57 -4.81
CA LEU A 471 9.89 22.20 -4.89
C LEU A 471 11.40 22.16 -5.06
N GLU A 472 11.95 23.20 -5.67
CA GLU A 472 13.39 23.30 -5.84
C GLU A 472 14.05 23.53 -4.48
N GLU A 473 13.38 24.31 -3.64
CA GLU A 473 13.85 24.54 -2.28
C GLU A 473 13.70 23.29 -1.43
N LEU A 474 12.62 22.56 -1.68
CA LEU A 474 12.41 21.26 -1.04
C LEU A 474 13.54 20.31 -1.42
N LYS A 475 13.85 20.23 -2.71
CA LYS A 475 14.92 19.36 -3.19
C LYS A 475 16.28 19.78 -2.66
N ARG A 476 16.48 21.08 -2.48
CA ARG A 476 17.75 21.59 -1.99
C ARG A 476 18.02 21.17 -0.55
N VAL A 477 17.03 21.37 0.31
CA VAL A 477 17.15 20.99 1.73
C VAL A 477 17.21 19.48 1.89
N LEU A 478 16.45 18.76 1.06
CA LEU A 478 16.33 17.32 1.17
C LEU A 478 17.54 16.59 0.64
N PHE A 479 18.11 17.10 -0.46
CA PHE A 479 19.24 16.42 -1.10
C PHE A 479 20.53 17.23 -1.02
N ASN A 480 20.64 18.04 0.03
CA ASN A 480 21.86 18.78 0.31
C ASN A 480 23.03 17.82 0.52
N PRO A 481 24.10 17.98 -0.28
CA PRO A 481 25.30 17.13 -0.18
C PRO A 481 25.79 16.94 1.25
N THR A 482 25.72 17.99 2.07
CA THR A 482 26.11 17.90 3.47
C THR A 482 25.11 17.06 4.26
N SER A 483 23.83 17.18 3.94
CA SER A 483 22.80 16.42 4.62
C SER A 483 22.95 14.92 4.32
N ILE A 484 23.18 14.59 3.06
CA ILE A 484 23.39 13.19 2.67
C ILE A 484 24.59 12.58 3.39
N ASP A 485 25.66 13.37 3.51
CA ASP A 485 26.85 12.94 4.22
C ASP A 485 26.55 12.66 5.68
N ALA A 486 25.65 13.45 6.27
CA ALA A 486 25.25 13.25 7.66
C ALA A 486 24.40 11.99 7.81
N ILE A 487 23.55 11.72 6.82
CA ILE A 487 22.74 10.51 6.84
C ILE A 487 23.61 9.27 6.72
N MET A 488 24.53 9.30 5.77
CA MET A 488 25.39 8.16 5.50
C MET A 488 26.42 7.92 6.60
N ALA A 489 26.75 8.99 7.33
CA ALA A 489 27.71 8.89 8.43
C ALA A 489 27.25 7.87 9.47
N GLY A 490 25.95 7.88 9.76
CA GLY A 490 25.39 6.93 10.69
C GLY A 490 25.24 5.56 10.08
N MET A 491 24.82 5.52 8.82
CA MET A 491 24.64 4.25 8.12
C MET A 491 25.96 3.51 7.93
N ASP A 492 27.00 4.25 7.54
CA ASP A 492 28.31 3.65 7.32
C ASP A 492 28.92 3.17 8.62
N ALA A 493 28.69 3.91 9.69
CA ALA A 493 29.22 3.52 11.00
C ALA A 493 28.53 2.26 11.51
N SER A 494 27.22 2.14 11.24
CA SER A 494 26.49 0.94 11.62
C SER A 494 27.07 -0.28 10.91
N ALA A 495 27.35 -0.11 9.62
CA ALA A 495 27.86 -1.21 8.81
C ALA A 495 29.27 -1.58 9.23
N TRP A 496 30.07 -0.58 9.55
CA TRP A 496 31.45 -0.78 9.97
C TRP A 496 31.52 -1.61 11.25
N LEU A 497 30.72 -1.22 12.23
CA LEU A 497 30.67 -1.91 13.51
C LEU A 497 30.16 -3.34 13.35
N ASN A 498 29.01 -3.48 12.70
CA ASN A 498 28.38 -4.78 12.52
C ASN A 498 29.26 -5.79 11.81
N GLU A 499 30.20 -5.29 11.00
CA GLU A 499 31.09 -6.13 10.22
C GLU A 499 32.36 -6.45 10.97
N HIS A 500 32.97 -5.44 11.57
CA HIS A 500 34.27 -5.59 12.22
C HIS A 500 34.17 -6.27 13.59
N ILE A 501 33.17 -5.87 14.37
CA ILE A 501 32.99 -6.42 15.71
C ILE A 501 32.62 -7.90 15.63
N TYR A 502 31.96 -8.30 14.55
CA TYR A 502 31.57 -9.70 14.38
C TYR A 502 32.76 -10.59 14.04
N GLN A 503 33.66 -10.09 13.20
CA GLN A 503 34.83 -10.89 12.80
C GLN A 503 35.88 -10.90 13.89
N TRP A 504 35.79 -9.94 14.82
CA TRP A 504 36.74 -9.83 15.92
C TRP A 504 36.27 -10.57 17.18
N LEU A 505 35.06 -10.25 17.63
CA LEU A 505 34.55 -10.78 18.88
C LEU A 505 33.51 -11.88 18.69
N GLY A 506 32.92 -11.93 17.50
CA GLY A 506 31.94 -12.96 17.20
C GLY A 506 30.52 -12.53 17.52
N GLU A 507 30.37 -11.27 17.91
CA GLU A 507 29.04 -10.73 18.19
C GLU A 507 28.44 -10.13 16.93
N LYS A 508 27.25 -10.62 16.58
CA LYS A 508 26.56 -10.19 15.37
C LYS A 508 25.66 -8.99 15.65
N ASN A 509 25.78 -7.97 14.80
CA ASN A 509 24.95 -6.77 14.87
C ASN A 509 25.03 -6.04 16.21
N VAL A 510 26.22 -5.59 16.57
CA VAL A 510 26.41 -4.88 17.84
C VAL A 510 25.93 -3.43 17.72
N ALA A 511 25.79 -2.94 16.49
CA ALA A 511 25.42 -1.54 16.29
C ALA A 511 23.98 -1.28 16.68
N ASP A 512 23.19 -2.35 16.77
CA ASP A 512 21.81 -2.24 17.23
C ASP A 512 21.77 -1.72 18.66
N LYS A 513 22.42 -2.45 19.57
CA LYS A 513 22.43 -2.09 20.97
C LYS A 513 23.16 -0.77 21.21
N LEU A 514 24.16 -0.49 20.39
CA LEU A 514 24.92 0.76 20.51
C LEU A 514 24.12 1.96 20.03
N SER A 515 23.01 1.71 19.34
CA SER A 515 22.18 2.78 18.79
C SER A 515 21.03 3.11 19.72
N GLU A 516 20.94 2.40 20.84
CA GLU A 516 19.81 2.53 21.76
C GLU A 516 19.79 3.91 22.40
N SER A 517 18.62 4.54 22.37
CA SER A 517 18.42 5.90 22.88
C SER A 517 19.42 6.90 22.30
N ALA A 518 19.57 6.87 20.98
CA ALA A 518 20.38 7.86 20.28
C ALA A 518 19.74 9.24 20.39
N PRO A 519 20.56 10.28 20.58
CA PRO A 519 20.05 11.65 20.74
C PRO A 519 19.55 12.23 19.43
N ASN A 520 18.62 13.19 19.53
CA ASN A 520 18.15 13.96 18.39
C ASN A 520 17.55 13.13 17.26
N ASN A 521 16.65 12.22 17.60
CA ASN A 521 15.87 11.49 16.59
C ASN A 521 14.41 11.92 16.64
N ILE A 522 14.02 12.78 15.70
CA ILE A 522 12.70 13.40 15.70
C ILE A 522 11.55 12.37 15.69
N THR A 523 11.81 11.17 15.17
CA THR A 523 10.78 10.14 15.13
C THR A 523 10.73 9.38 16.45
N SER A 524 11.89 9.06 17.00
CA SER A 524 11.98 8.39 18.30
C SER A 524 11.38 9.26 19.41
N GLN A 525 11.66 10.55 19.34
CA GLN A 525 11.13 11.49 20.32
C GLN A 525 9.61 11.55 20.26
N MET A 526 9.06 11.46 19.05
CA MET A 526 7.62 11.52 18.84
C MET A 526 6.89 10.42 19.60
N GLY A 527 7.42 9.20 19.53
CA GLY A 527 6.80 8.06 20.18
C GLY A 527 6.82 8.18 21.70
N LEU A 528 7.95 8.59 22.25
CA LEU A 528 8.11 8.67 23.69
C LEU A 528 7.38 9.87 24.29
N GLU A 529 7.24 10.95 23.53
CA GLU A 529 6.64 12.16 24.07
C GLU A 529 5.12 12.03 24.21
N LEU A 530 4.56 11.02 23.55
CA LEU A 530 3.13 10.73 23.70
C LEU A 530 2.86 10.14 25.07
N LEU A 531 3.89 9.56 25.67
CA LEU A 531 3.81 9.11 27.05
C LEU A 531 3.66 10.31 27.98
N ASP A 532 4.38 11.38 27.65
CA ASP A 532 4.29 12.61 28.42
C ASP A 532 2.90 13.21 28.33
N VAL A 533 2.29 13.10 27.16
CA VAL A 533 0.93 13.56 26.94
C VAL A 533 -0.03 12.81 27.86
N ALA A 534 0.16 11.49 27.92
CA ALA A 534 -0.65 10.64 28.78
C ALA A 534 -0.42 10.94 30.26
N ASP A 535 0.80 11.37 30.60
CA ASP A 535 1.11 11.71 31.98
C ASP A 535 0.29 12.90 32.48
N VAL A 536 -0.10 13.76 31.55
CA VAL A 536 -0.87 14.95 31.88
C VAL A 536 -2.34 14.61 32.10
N ILE A 537 -2.83 13.63 31.32
CA ILE A 537 -4.25 13.30 31.31
C ILE A 537 -4.62 12.33 32.43
N ARG A 538 -3.66 11.49 32.82
CA ARG A 538 -3.90 10.44 33.80
C ARG A 538 -4.57 10.91 35.12
N PRO A 539 -4.11 12.04 35.71
CA PRO A 539 -4.73 12.43 37.00
C PRO A 539 -6.15 12.99 36.87
N TYR A 540 -6.65 13.14 35.65
CA TYR A 540 -7.95 13.74 35.44
C TYR A 540 -9.00 12.71 35.02
N PRO A 541 -9.85 12.29 35.97
CA PRO A 541 -10.88 11.28 35.71
C PRO A 541 -11.97 11.76 34.77
N ALA A 542 -12.31 13.04 34.86
CA ALA A 542 -13.38 13.61 34.05
C ALA A 542 -13.02 13.62 32.58
N VAL A 543 -11.77 13.95 32.29
CA VAL A 543 -11.27 13.99 30.92
C VAL A 543 -11.19 12.57 30.35
N ARG A 544 -10.73 11.63 31.17
CA ARG A 544 -10.54 10.26 30.71
C ARG A 544 -11.86 9.59 30.33
N ALA A 545 -12.90 9.87 31.10
CA ALA A 545 -14.22 9.28 30.84
C ALA A 545 -14.76 9.75 29.49
N TYR A 546 -14.41 10.97 29.12
CA TYR A 546 -14.82 11.56 27.85
C TYR A 546 -14.08 10.91 26.68
N LEU A 547 -12.75 10.88 26.79
CA LEU A 547 -11.91 10.37 25.71
C LEU A 547 -12.17 8.89 25.42
N GLU A 548 -12.53 8.14 26.44
CA GLU A 548 -12.81 6.71 26.28
C GLU A 548 -14.03 6.44 25.42
N GLN A 549 -14.92 7.42 25.31
CA GLN A 549 -16.21 7.21 24.66
C GLN A 549 -16.48 8.14 23.48
N THR A 550 -15.73 9.24 23.40
CA THR A 550 -16.03 10.27 22.40
C THR A 550 -15.67 9.82 20.98
N LYS A 551 -16.48 10.26 20.03
CA LYS A 551 -16.22 10.01 18.61
C LYS A 551 -16.34 11.32 17.85
N ASN A 552 -16.34 12.41 18.61
CA ASN A 552 -16.36 13.76 18.05
C ASN A 552 -14.97 14.16 17.57
N PRO A 553 -14.83 14.43 16.27
CA PRO A 553 -13.56 14.91 15.70
C PRO A 553 -13.15 16.24 16.30
N ASP A 554 -14.15 17.01 16.74
CA ASP A 554 -13.91 18.29 17.36
C ASP A 554 -13.94 18.17 18.88
N PHE A 555 -13.29 17.13 19.41
CA PHE A 555 -13.29 16.90 20.86
C PHE A 555 -12.33 17.86 21.55
N MET A 556 -11.43 18.45 20.77
CA MET A 556 -10.44 19.39 21.30
C MET A 556 -11.11 20.62 21.91
N ASN A 557 -12.25 21.01 21.35
CA ASN A 557 -12.95 22.20 21.83
C ASN A 557 -14.10 21.87 22.77
N GLU A 558 -14.10 20.66 23.30
CA GLU A 558 -15.10 20.25 24.27
C GLU A 558 -14.46 19.93 25.62
N LEU A 559 -13.15 20.17 25.72
CA LEU A 559 -12.38 19.80 26.89
C LEU A 559 -12.43 20.85 28.01
N ALA A 560 -12.63 22.12 27.64
CA ALA A 560 -12.65 23.20 28.62
C ALA A 560 -13.77 23.04 29.63
N THR A 561 -14.81 22.31 29.23
CA THR A 561 -15.93 21.99 30.11
C THR A 561 -15.46 21.15 31.30
N LEU A 562 -14.59 20.19 31.01
CA LEU A 562 -14.13 19.23 32.02
C LEU A 562 -12.98 19.78 32.86
N GLU A 563 -12.79 19.19 34.03
CA GLU A 563 -11.68 19.57 34.89
C GLU A 563 -10.39 18.88 34.44
N GLY A 564 -9.42 19.68 33.99
CA GLY A 564 -8.18 19.15 33.49
C GLY A 564 -8.15 19.11 31.97
N GLY A 565 -9.26 19.51 31.37
CA GLY A 565 -9.37 19.53 29.92
C GLY A 565 -8.52 20.64 29.32
N ALA A 566 -8.46 21.77 30.00
CA ALA A 566 -7.64 22.89 29.55
C ALA A 566 -6.18 22.50 29.53
N GLU A 567 -5.75 21.77 30.55
CA GLU A 567 -4.38 21.26 30.64
C GLU A 567 -4.14 20.18 29.59
N THR A 568 -5.18 19.40 29.31
CA THR A 568 -5.11 18.33 28.32
C THR A 568 -5.05 18.90 26.90
N LYS A 569 -5.84 19.94 26.66
CA LYS A 569 -5.87 20.62 25.36
C LYS A 569 -4.48 21.17 25.02
N LYS A 570 -3.85 21.81 26.00
CA LYS A 570 -2.52 22.36 25.81
C LYS A 570 -1.51 21.26 25.45
N ALA A 571 -1.57 20.15 26.16
CA ALA A 571 -0.65 19.03 25.93
C ALA A 571 -0.81 18.46 24.54
N LEU A 572 -2.06 18.37 24.09
CA LEU A 572 -2.36 17.86 22.76
C LEU A 572 -1.95 18.85 21.68
N GLU A 573 -2.23 20.13 21.91
CA GLU A 573 -1.90 21.17 20.95
C GLU A 573 -0.39 21.32 20.77
N ASP A 574 0.35 21.16 21.87
CA ASP A 574 1.81 21.25 21.81
C ASP A 574 2.41 20.05 21.07
N TYR A 575 1.85 18.86 21.32
CA TYR A 575 2.31 17.66 20.67
C TYR A 575 1.99 17.69 19.17
N LEU A 576 0.82 18.24 18.83
CA LEU A 576 0.40 18.32 17.45
C LEU A 576 1.13 19.44 16.70
N GLN A 577 1.72 20.36 17.45
CA GLN A 577 2.47 21.45 16.84
C GLN A 577 3.84 20.97 16.39
N LYS A 578 4.23 19.80 16.90
CA LYS A 578 5.50 19.18 16.52
C LYS A 578 5.31 18.00 15.59
N TYR A 579 4.22 17.26 15.76
CA TYR A 579 4.04 16.00 15.03
C TYR A 579 2.70 15.91 14.32
N GLY A 580 1.92 16.98 14.38
CA GLY A 580 0.62 17.02 13.74
C GLY A 580 0.65 16.85 12.23
N MET A 581 1.76 17.24 11.61
CA MET A 581 1.87 17.16 10.16
C MET A 581 2.17 15.74 9.68
N ARG A 582 2.45 14.85 10.62
CA ARG A 582 2.71 13.46 10.28
C ARG A 582 1.43 12.64 10.28
N CYS A 583 1.49 11.46 9.66
CA CYS A 583 0.37 10.53 9.63
C CYS A 583 0.81 9.24 8.95
N ALA A 584 -0.01 8.21 9.05
CA ALA A 584 0.22 6.97 8.31
C ALA A 584 -0.04 7.18 6.83
N GLY A 585 1.03 7.22 6.03
CA GLY A 585 0.89 7.42 4.61
C GLY A 585 1.24 8.84 4.24
N GLU A 586 2.03 9.48 5.10
CA GLU A 586 2.35 10.90 4.98
C GLU A 586 2.96 11.27 3.63
N ILE A 587 3.63 10.31 2.99
CA ILE A 587 4.23 10.54 1.68
C ILE A 587 3.15 10.84 0.65
N ASP A 588 1.94 10.35 0.92
CA ASP A 588 0.76 10.74 0.14
C ASP A 588 0.25 12.04 0.73
N LEU A 589 0.41 13.11 -0.04
CA LEU A 589 0.00 14.45 0.38
C LEU A 589 -1.50 14.52 0.70
N THR A 590 -2.26 13.57 0.17
CA THR A 590 -3.72 13.61 0.24
C THR A 590 -4.32 12.78 1.36
N LYS A 591 -3.50 12.39 2.34
CA LYS A 591 -4.01 11.58 3.45
C LYS A 591 -4.21 12.43 4.69
N THR A 592 -5.19 12.06 5.50
CA THR A 592 -5.57 12.85 6.66
C THR A 592 -4.45 12.88 7.69
N ARG A 593 -4.00 14.09 8.01
CA ARG A 593 -2.95 14.30 9.00
C ARG A 593 -3.49 14.19 10.42
N TRP A 594 -2.58 13.96 11.37
CA TRP A 594 -2.97 13.85 12.78
C TRP A 594 -3.72 15.08 13.25
N ILE A 595 -3.18 16.25 12.94
CA ILE A 595 -3.74 17.52 13.41
C ILE A 595 -5.10 17.80 12.75
N GLU A 596 -5.39 17.11 11.66
CA GLU A 596 -6.68 17.24 10.99
C GLU A 596 -7.72 16.33 11.63
N ASN A 597 -7.26 15.21 12.15
CA ASN A 597 -8.13 14.28 12.86
C ASN A 597 -7.41 13.74 14.10
N PRO A 598 -7.35 14.52 15.18
CA PRO A 598 -6.60 14.17 16.39
C PRO A 598 -7.19 12.96 17.10
N LEU A 599 -8.42 12.59 16.73
CA LEU A 599 -9.14 11.52 17.38
C LEU A 599 -8.45 10.18 17.22
N THR A 600 -7.60 10.07 16.20
CA THR A 600 -6.91 8.82 15.92
C THR A 600 -5.77 8.56 16.90
N LEU A 601 -5.32 9.61 17.58
CA LEU A 601 -4.25 9.47 18.57
C LEU A 601 -4.78 9.03 19.94
N ILE A 602 -6.08 9.19 20.15
CA ILE A 602 -6.70 8.87 21.45
C ILE A 602 -6.46 7.43 21.94
N PRO A 603 -6.66 6.41 21.10
CA PRO A 603 -6.45 5.05 21.63
C PRO A 603 -5.01 4.77 22.09
N LEU A 604 -4.02 5.38 21.44
CA LEU A 604 -2.64 5.23 21.85
C LEU A 604 -2.41 5.91 23.19
N ILE A 605 -3.00 7.09 23.35
CA ILE A 605 -2.92 7.86 24.58
C ILE A 605 -3.54 7.08 25.74
N LEU A 606 -4.71 6.52 25.50
CA LEU A 606 -5.42 5.75 26.52
C LEU A 606 -4.62 4.51 26.94
N SER A 607 -3.98 3.85 26.00
CA SER A 607 -3.17 2.68 26.28
C SER A 607 -1.96 3.06 27.13
N ASN A 608 -1.34 4.18 26.82
CA ASN A 608 -0.25 4.70 27.63
C ASN A 608 -0.65 4.96 29.07
N ILE A 609 -1.87 5.42 29.26
CA ILE A 609 -2.40 5.67 30.60
C ILE A 609 -2.58 4.35 31.34
N LYS A 610 -3.04 3.34 30.59
CA LYS A 610 -3.32 2.02 31.16
C LYS A 610 -2.06 1.16 31.33
N ASN A 611 -1.09 1.31 30.43
CA ASN A 611 0.07 0.41 30.43
C ASN A 611 1.29 0.93 31.20
N PHE A 612 1.27 2.19 31.60
CA PHE A 612 2.44 2.81 32.20
C PHE A 612 2.12 3.67 33.41
N ASP A 613 3.10 3.80 34.30
CA ASP A 613 3.07 4.82 35.35
C ASP A 613 3.67 6.10 34.78
N SER A 614 3.79 7.13 35.62
CA SER A 614 4.28 8.41 35.14
C SER A 614 5.76 8.38 34.77
N SER A 615 6.17 9.32 33.93
CA SER A 615 7.56 9.49 33.52
C SER A 615 8.17 8.26 32.87
N ALA A 616 7.37 7.51 32.11
CA ALA A 616 7.88 6.32 31.44
C ALA A 616 8.82 6.71 30.32
N SER A 617 8.66 7.92 29.78
CA SER A 617 9.54 8.42 28.73
C SER A 617 10.97 8.52 29.25
N MET A 618 11.16 9.20 30.36
CA MET A 618 12.49 9.38 30.94
C MET A 618 13.15 8.05 31.36
N HIS A 619 12.37 7.15 31.95
CA HIS A 619 12.89 5.86 32.38
C HIS A 619 13.34 4.98 31.20
N LYS A 620 12.53 4.94 30.14
CA LYS A 620 12.85 4.11 28.98
C LYS A 620 14.09 4.63 28.25
N PHE A 621 14.16 5.94 28.09
CA PHE A 621 15.27 6.57 27.39
C PHE A 621 16.57 6.43 28.19
N ALA A 622 16.50 6.72 29.49
CA ALA A 622 17.67 6.63 30.35
C ALA A 622 18.21 5.21 30.41
N GLN A 623 17.30 4.25 30.45
CA GLN A 623 17.70 2.84 30.50
C GLN A 623 18.42 2.46 29.21
N GLY A 624 17.95 3.00 28.09
CA GLY A 624 18.56 2.76 26.80
C GLY A 624 19.98 3.30 26.71
N GLU A 625 20.20 4.46 27.34
CA GLU A 625 21.52 5.06 27.38
C GLU A 625 22.50 4.20 28.17
N LYS A 626 22.01 3.61 29.26
CA LYS A 626 22.83 2.74 30.10
C LYS A 626 23.29 1.51 29.34
N GLU A 627 22.34 0.81 28.72
CA GLU A 627 22.64 -0.40 27.99
C GLU A 627 23.60 -0.13 26.83
N ALA A 628 23.40 0.99 26.14
CA ALA A 628 24.24 1.34 25.02
C ALA A 628 25.67 1.64 25.46
N PHE A 629 25.81 2.30 26.61
CA PHE A 629 27.12 2.65 27.12
C PHE A 629 27.83 1.44 27.73
N HIS A 630 27.05 0.57 28.37
CA HIS A 630 27.58 -0.66 28.93
C HIS A 630 28.04 -1.57 27.80
N LYS A 631 27.36 -1.47 26.66
CA LYS A 631 27.75 -2.24 25.49
C LYS A 631 29.04 -1.70 24.92
N GLU A 632 29.15 -0.38 24.87
CA GLU A 632 30.35 0.28 24.37
C GLU A 632 31.59 -0.12 25.18
N GLN A 633 31.46 -0.08 26.51
CA GLN A 633 32.58 -0.40 27.38
C GLN A 633 32.97 -1.87 27.30
N GLU A 634 31.97 -2.74 27.15
CA GLU A 634 32.21 -4.17 27.02
C GLU A 634 33.02 -4.47 25.75
N ILE A 635 32.56 -3.92 24.62
CA ILE A 635 33.24 -4.10 23.34
C ILE A 635 34.68 -3.60 23.35
N LEU A 636 34.89 -2.38 23.85
CA LEU A 636 36.22 -1.79 23.88
C LEU A 636 37.15 -2.57 24.81
N ARG A 637 36.61 -3.11 25.89
CA ARG A 637 37.38 -3.91 26.83
C ARG A 637 37.82 -5.23 26.19
N ARG A 638 36.88 -5.93 25.55
CA ARG A 638 37.15 -7.21 24.94
C ARG A 638 38.13 -7.11 23.78
N LEU A 639 38.01 -6.03 23.02
CA LEU A 639 38.88 -5.81 21.85
C LEU A 639 40.34 -5.67 22.24
N GLN A 640 40.59 -5.13 23.42
CA GLN A 640 41.96 -4.91 23.88
C GLN A 640 42.63 -6.21 24.34
N GLU A 641 41.90 -7.32 24.24
CA GLU A 641 42.45 -8.62 24.56
C GLU A 641 42.94 -9.32 23.29
N LEU A 642 42.44 -8.86 22.15
CA LEU A 642 42.84 -9.39 20.84
C LEU A 642 44.22 -8.88 20.44
N PRO A 643 44.85 -9.53 19.43
CA PRO A 643 46.08 -8.97 18.88
C PRO A 643 45.85 -7.56 18.34
N ASP A 644 46.80 -6.67 18.61
CA ASP A 644 46.67 -5.25 18.28
C ASP A 644 45.39 -4.69 18.89
N GLY A 645 45.35 -4.67 20.21
CA GLY A 645 44.15 -4.32 20.95
C GLY A 645 43.77 -2.84 20.88
N GLU A 646 44.59 -1.99 21.49
CA GLU A 646 44.27 -0.57 21.61
C GLU A 646 44.57 0.12 20.29
N GLN A 647 44.08 -0.47 19.20
CA GLN A 647 44.02 0.17 17.90
C GLN A 647 42.70 -0.22 17.27
N LYS A 648 42.24 -1.42 17.59
CA LYS A 648 40.91 -1.87 17.19
C LYS A 648 39.86 -1.19 18.04
N ALA A 649 40.19 -0.90 19.29
CA ALA A 649 39.26 -0.26 20.22
C ALA A 649 39.08 1.21 19.90
N MET A 650 40.20 1.92 19.77
CA MET A 650 40.18 3.35 19.50
C MET A 650 39.47 3.65 18.19
N GLU A 651 39.70 2.81 17.19
CA GLU A 651 39.04 2.95 15.90
C GLU A 651 37.55 2.63 16.02
N THR A 652 37.22 1.72 16.93
CA THR A 652 35.83 1.38 17.20
C THR A 652 35.15 2.50 17.97
N LYS A 653 35.86 3.07 18.94
CA LYS A 653 35.33 4.17 19.73
C LYS A 653 34.97 5.36 18.84
N GLU A 654 35.77 5.58 17.81
CA GLU A 654 35.51 6.66 16.86
C GLU A 654 34.22 6.41 16.08
N LYS A 655 33.97 5.15 15.74
CA LYS A 655 32.78 4.79 14.98
C LYS A 655 31.51 4.89 15.83
N ILE A 656 31.61 4.53 17.10
CA ILE A 656 30.47 4.60 18.00
C ILE A 656 30.02 6.04 18.23
N ASP A 657 30.99 6.95 18.37
CA ASP A 657 30.69 8.37 18.52
C ASP A 657 29.95 8.89 17.29
N ILE A 658 30.52 8.63 16.12
CA ILE A 658 29.91 9.00 14.85
C ILE A 658 28.51 8.42 14.71
N LEU A 659 28.36 7.15 15.10
CA LEU A 659 27.08 6.47 15.05
C LEU A 659 26.00 7.20 15.86
N ARG A 660 26.28 7.45 17.13
CA ARG A 660 25.29 8.03 18.02
C ARG A 660 25.07 9.51 17.76
N HIS A 661 25.92 10.11 16.94
CA HIS A 661 25.82 11.54 16.68
C HIS A 661 25.05 11.83 15.38
N PHE A 662 24.95 10.83 14.51
CA PHE A 662 24.36 11.04 13.18
C PHE A 662 23.16 10.13 12.88
N ILE A 663 23.05 8.99 13.55
CA ILE A 663 22.01 8.02 13.24
C ILE A 663 20.62 8.56 13.56
N GLY A 664 20.56 9.59 14.39
CA GLY A 664 19.29 10.21 14.72
C GLY A 664 18.80 11.13 13.62
N TYR A 665 19.74 11.80 12.96
CA TYR A 665 19.42 12.73 11.89
C TYR A 665 18.79 12.01 10.69
N ARG A 666 19.04 10.71 10.60
CA ARG A 666 18.49 9.86 9.54
C ARG A 666 16.99 10.08 9.29
N GLU A 667 16.22 10.29 10.35
CA GLU A 667 14.77 10.42 10.23
C GLU A 667 14.30 11.84 9.91
N TYR A 668 15.22 12.80 9.90
CA TYR A 668 14.81 14.20 9.81
C TYR A 668 14.49 14.73 8.40
N PRO A 669 15.31 14.40 7.37
CA PRO A 669 14.96 14.85 6.01
C PRO A 669 13.55 14.46 5.59
N LYS A 670 13.08 13.31 6.06
CA LYS A 670 11.70 12.92 5.83
C LYS A 670 10.76 13.87 6.54
N TYR A 671 11.09 14.20 7.78
CA TYR A 671 10.27 15.10 8.59
C TYR A 671 10.15 16.48 7.97
N GLY A 672 11.24 16.98 7.41
CA GLY A 672 11.26 18.28 6.79
C GLY A 672 10.47 18.31 5.49
N MET A 673 10.50 17.20 4.77
CA MET A 673 9.76 17.06 3.52
C MET A 673 8.25 17.02 3.78
N ILE A 674 7.83 16.20 4.74
CA ILE A 674 6.43 16.09 5.12
C ILE A 674 5.87 17.43 5.60
N ASN A 675 6.70 18.21 6.29
CA ASN A 675 6.30 19.52 6.74
C ASN A 675 5.89 20.41 5.58
N ARG A 676 6.67 20.36 4.50
CA ARG A 676 6.35 21.13 3.31
C ARG A 676 5.09 20.59 2.64
N TYR A 677 4.92 19.28 2.67
CA TYR A 677 3.77 18.65 2.04
C TYR A 677 2.45 19.11 2.67
N PHE A 678 2.43 19.25 3.99
CA PHE A 678 1.22 19.63 4.68
C PHE A 678 0.90 21.10 4.41
N ILE A 679 1.94 21.91 4.28
CA ILE A 679 1.77 23.31 3.93
C ILE A 679 1.25 23.44 2.50
N TYR A 680 1.68 22.53 1.63
CA TYR A 680 1.15 22.45 0.27
C TYR A 680 -0.32 22.07 0.31
N LYS A 681 -0.63 21.03 1.09
CA LYS A 681 -2.00 20.51 1.17
C LYS A 681 -3.02 21.56 1.59
N LEU A 682 -2.68 22.31 2.63
CA LEU A 682 -3.58 23.36 3.13
C LEU A 682 -3.87 24.39 2.05
N ALA A 683 -2.87 24.68 1.23
CA ALA A 683 -3.01 25.68 0.17
C ALA A 683 -3.83 25.13 -0.99
N LEU A 684 -3.62 23.86 -1.32
CA LEU A 684 -4.36 23.22 -2.39
C LEU A 684 -5.82 23.04 -2.03
N LEU A 685 -6.10 22.82 -0.75
CA LEU A 685 -7.47 22.72 -0.26
C LEU A 685 -8.21 24.04 -0.42
N ARG A 686 -7.51 25.15 -0.19
CA ARG A 686 -8.10 26.47 -0.35
C ARG A 686 -8.48 26.67 -1.82
N ALA A 687 -7.59 26.21 -2.71
CA ALA A 687 -7.83 26.31 -4.14
C ALA A 687 -9.00 25.42 -4.55
N GLY A 688 -9.08 24.25 -3.93
CA GLY A 688 -10.18 23.34 -4.17
C GLY A 688 -11.52 23.91 -3.71
N GLU A 689 -11.49 24.66 -2.61
CA GLU A 689 -12.71 25.27 -2.09
C GLU A 689 -13.14 26.45 -2.96
N GLN A 690 -12.17 27.12 -3.58
CA GLN A 690 -12.48 28.19 -4.52
C GLN A 690 -13.13 27.63 -5.78
N LEU A 691 -12.69 26.45 -6.18
CA LEU A 691 -13.25 25.79 -7.35
C LEU A 691 -14.67 25.32 -7.08
N VAL A 692 -14.97 25.06 -5.82
CA VAL A 692 -16.34 24.75 -5.41
C VAL A 692 -17.21 26.00 -5.47
N LYS A 693 -16.70 27.10 -4.91
CA LYS A 693 -17.39 28.38 -4.94
C LYS A 693 -17.68 28.83 -6.37
N ASP A 694 -16.75 28.54 -7.28
CA ASP A 694 -16.89 28.94 -8.67
C ASP A 694 -17.77 27.95 -9.45
N GLY A 695 -18.29 26.95 -8.75
CA GLY A 695 -19.19 25.99 -9.35
C GLY A 695 -18.47 25.05 -10.31
N ILE A 696 -17.16 24.97 -10.18
CA ILE A 696 -16.37 24.11 -11.05
C ILE A 696 -16.24 22.70 -10.46
N LEU A 697 -15.93 22.64 -9.17
CA LEU A 697 -15.84 21.35 -8.46
C LEU A 697 -17.09 21.13 -7.61
N GLN A 698 -17.40 19.86 -7.36
CA GLN A 698 -18.53 19.52 -6.49
C GLN A 698 -18.07 19.33 -5.05
N GLU A 699 -17.11 18.43 -4.85
CA GLU A 699 -16.45 18.26 -3.57
C GLU A 699 -15.03 18.76 -3.67
N HIS A 700 -14.58 19.52 -2.68
CA HIS A 700 -13.27 20.17 -2.77
C HIS A 700 -12.12 19.18 -2.63
N GLU A 701 -12.41 17.98 -2.15
CA GLU A 701 -11.39 16.95 -2.05
C GLU A 701 -11.28 16.14 -3.33
N ASP A 702 -11.91 16.62 -4.40
CA ASP A 702 -11.83 15.93 -5.69
C ASP A 702 -10.55 16.32 -6.43
N ILE A 703 -9.76 17.19 -5.82
CA ILE A 703 -8.47 17.55 -6.38
C ILE A 703 -7.48 16.42 -6.16
N TYR A 704 -7.82 15.50 -5.26
CA TYR A 704 -6.95 14.38 -4.93
C TYR A 704 -6.80 13.43 -6.11
N PHE A 705 -7.79 13.41 -7.00
CA PHE A 705 -7.79 12.47 -8.11
C PHE A 705 -7.32 13.12 -9.40
N LEU A 706 -6.74 14.31 -9.26
CA LEU A 706 -6.08 14.98 -10.36
C LEU A 706 -4.59 15.10 -10.08
N TYR A 707 -3.76 14.87 -11.09
CA TYR A 707 -2.34 15.10 -10.95
C TYR A 707 -2.10 16.60 -10.94
N PHE A 708 -0.96 17.03 -10.41
CA PHE A 708 -0.60 18.44 -10.32
C PHE A 708 -0.66 19.08 -11.70
N GLU A 709 -0.20 18.38 -12.70
CA GLU A 709 -0.20 18.94 -14.01
C GLU A 709 -1.61 19.22 -14.45
N GLU A 710 -2.54 18.35 -14.12
CA GLU A 710 -3.93 18.48 -14.56
C GLU A 710 -4.68 19.52 -13.74
N LEU A 711 -4.45 19.52 -12.43
CA LEU A 711 -5.13 20.42 -11.52
C LEU A 711 -4.80 21.88 -11.83
N ARG A 712 -3.56 22.12 -12.23
CA ARG A 712 -3.11 23.46 -12.59
C ARG A 712 -3.91 24.01 -13.79
N GLU A 713 -4.23 23.14 -14.73
CA GLU A 713 -5.05 23.52 -15.88
C GLU A 713 -6.50 23.79 -15.50
N VAL A 714 -7.01 23.03 -14.54
CA VAL A 714 -8.37 23.23 -14.06
C VAL A 714 -8.53 24.62 -13.46
N VAL A 715 -7.56 25.03 -12.64
CA VAL A 715 -7.58 26.35 -12.03
C VAL A 715 -7.40 27.45 -13.08
N ARG A 716 -6.55 27.18 -14.07
CA ARG A 716 -6.23 28.17 -15.10
C ARG A 716 -7.38 28.38 -16.08
N THR A 717 -7.88 27.29 -16.67
CA THR A 717 -8.89 27.38 -17.70
C THR A 717 -10.31 27.43 -17.13
N GLY A 718 -10.54 26.71 -16.04
CA GLY A 718 -11.85 26.66 -15.42
C GLY A 718 -12.67 25.47 -15.87
N GLN A 719 -12.05 24.57 -16.64
CA GLN A 719 -12.73 23.39 -17.14
C GLN A 719 -12.10 22.11 -16.60
N VAL A 720 -12.92 21.08 -16.41
CA VAL A 720 -12.44 19.83 -15.85
C VAL A 720 -13.28 18.64 -16.34
N ASP A 721 -12.61 17.54 -16.64
CA ASP A 721 -13.24 16.32 -17.13
C ASP A 721 -13.58 15.40 -15.95
N TYR A 722 -14.87 15.25 -15.66
CA TYR A 722 -15.28 14.46 -14.49
C TYR A 722 -15.47 12.97 -14.80
N GLU A 723 -15.59 12.63 -16.08
CA GLU A 723 -15.54 11.23 -16.49
C GLU A 723 -14.17 10.67 -16.15
N LEU A 724 -13.19 11.56 -16.15
CA LEU A 724 -11.83 11.23 -15.75
C LEU A 724 -11.72 11.08 -14.24
N ILE A 725 -12.24 12.06 -13.51
CA ILE A 725 -12.20 12.06 -12.05
C ILE A 725 -12.90 10.83 -11.47
N ASN A 726 -14.08 10.51 -12.00
CA ASN A 726 -14.81 9.33 -11.57
C ASN A 726 -14.04 8.05 -11.87
N ALA A 727 -13.38 8.02 -13.03
CA ALA A 727 -12.55 6.88 -13.40
C ALA A 727 -11.37 6.76 -12.45
N ARG A 728 -10.81 7.88 -12.04
CA ARG A 728 -9.70 7.89 -11.09
C ARG A 728 -10.12 7.32 -9.75
N LYS A 729 -11.31 7.70 -9.30
CA LYS A 729 -11.87 7.20 -8.06
C LYS A 729 -12.17 5.70 -8.16
N ARG A 730 -12.61 5.30 -9.35
CA ARG A 730 -12.93 3.91 -9.63
C ARG A 730 -11.66 3.07 -9.64
N ASP A 731 -10.58 3.64 -10.19
CA ASP A 731 -9.30 2.95 -10.22
C ASP A 731 -8.71 2.82 -8.83
N PHE A 732 -8.85 3.87 -8.03
CA PHE A 732 -8.30 3.90 -6.69
C PHE A 732 -8.93 2.83 -5.81
N ALA A 733 -10.21 2.58 -6.04
CA ALA A 733 -10.95 1.60 -5.26
C ALA A 733 -10.47 0.19 -5.55
N THR A 734 -9.97 -0.03 -6.77
CA THR A 734 -9.43 -1.33 -7.13
C THR A 734 -7.96 -1.42 -6.77
N PHE A 735 -7.30 -0.28 -6.63
CA PHE A 735 -5.89 -0.24 -6.27
C PHE A 735 -5.71 -0.65 -4.81
N GLU A 736 -6.69 -0.30 -3.99
CA GLU A 736 -6.63 -0.62 -2.57
C GLU A 736 -6.68 -2.13 -2.37
N LYS A 737 -7.34 -2.82 -3.30
CA LYS A 737 -7.44 -4.27 -3.25
C LYS A 737 -6.22 -4.95 -3.86
N LEU A 738 -5.23 -4.15 -4.23
CA LEU A 738 -3.98 -4.67 -4.79
C LEU A 738 -2.86 -4.58 -3.76
N THR A 739 -1.89 -5.48 -3.88
CA THR A 739 -0.72 -5.47 -3.01
C THR A 739 0.54 -5.42 -3.88
N PRO A 740 1.35 -4.38 -3.69
CA PRO A 740 2.55 -4.17 -4.52
C PRO A 740 3.57 -5.30 -4.37
N PRO A 741 4.06 -5.82 -5.50
CA PRO A 741 5.13 -6.82 -5.46
C PRO A 741 6.48 -6.14 -5.23
N ARG A 742 7.47 -6.88 -4.74
CA ARG A 742 8.80 -6.32 -4.54
C ARG A 742 9.41 -5.92 -5.88
N ILE A 743 9.15 -6.74 -6.90
CA ILE A 743 9.63 -6.47 -8.26
C ILE A 743 8.46 -6.56 -9.24
N LEU A 744 8.40 -5.60 -10.16
CA LEU A 744 7.39 -5.61 -11.20
C LEU A 744 8.05 -5.44 -12.57
N THR A 745 7.73 -6.32 -13.52
CA THR A 745 8.33 -6.26 -14.85
C THR A 745 7.36 -5.67 -15.88
N SER A 746 7.86 -5.51 -17.11
CA SER A 746 7.06 -4.95 -18.20
C SER A 746 5.93 -5.88 -18.61
N ASP A 747 6.08 -7.16 -18.30
CA ASP A 747 5.07 -8.14 -18.65
C ASP A 747 4.09 -8.34 -17.51
N GLY A 748 4.10 -7.41 -16.56
CA GLY A 748 3.20 -7.45 -15.43
C GLY A 748 3.52 -8.53 -14.42
N GLU A 749 4.64 -9.22 -14.63
CA GLU A 749 5.05 -10.30 -13.74
C GLU A 749 5.42 -9.75 -12.36
N MET A 750 4.83 -10.33 -11.33
CA MET A 750 5.08 -9.91 -9.96
C MET A 750 6.02 -10.88 -9.28
N ILE A 751 7.17 -10.37 -8.83
CA ILE A 751 8.19 -11.21 -8.24
C ILE A 751 8.61 -10.73 -6.86
N ASN A 752 8.48 -11.62 -5.88
CA ASN A 752 9.02 -11.36 -4.55
C ASN A 752 10.14 -12.36 -4.26
N GLY A 753 11.22 -11.88 -3.65
CA GLY A 753 12.37 -12.72 -3.41
C GLY A 753 12.12 -13.89 -2.47
N GLU A 754 13.09 -14.79 -2.39
CA GLU A 754 13.02 -15.92 -1.47
C GLU A 754 14.22 -15.93 -0.52
N TYR A 755 13.96 -16.20 0.76
CA TYR A 755 15.03 -16.31 1.74
C TYR A 755 15.71 -17.67 1.66
N LYS A 756 16.97 -17.73 2.08
CA LYS A 756 17.72 -18.98 2.09
C LYS A 756 17.84 -19.53 3.51
N ARG A 757 17.24 -20.69 3.73
CA ARG A 757 17.17 -21.30 5.05
C ARG A 757 18.45 -22.05 5.39
N GLU A 758 19.48 -21.31 5.82
CA GLU A 758 20.76 -21.92 6.18
C GLU A 758 20.81 -22.24 7.67
N ASN A 759 20.56 -23.51 8.00
CA ASN A 759 20.61 -24.00 9.37
C ASN A 759 19.66 -23.28 10.33
N LEU A 760 18.63 -22.64 9.77
CA LEU A 760 17.57 -22.03 10.57
C LEU A 760 16.47 -23.07 10.78
N PRO A 761 15.76 -22.98 11.93
CA PRO A 761 14.70 -23.95 12.25
C PRO A 761 13.67 -24.10 11.12
N LYS A 762 13.17 -25.31 10.90
CA LYS A 762 12.17 -25.58 9.88
C LYS A 762 10.81 -25.32 10.54
N ASP A 763 9.88 -24.75 9.77
CA ASP A 763 8.59 -24.17 10.23
C ASP A 763 8.81 -22.76 10.76
N ALA A 764 10.04 -22.26 10.64
CA ALA A 764 10.31 -20.87 11.01
C ALA A 764 10.01 -19.98 9.82
N ILE A 765 9.29 -18.90 10.08
CA ILE A 765 8.98 -17.92 9.06
C ILE A 765 10.15 -16.96 8.93
N LEU A 766 10.85 -17.02 7.80
CA LEU A 766 12.07 -16.25 7.62
C LEU A 766 11.80 -14.80 7.26
N GLY A 767 12.64 -13.90 7.77
CA GLY A 767 12.55 -12.48 7.48
C GLY A 767 13.91 -11.82 7.55
N LEU A 768 13.94 -10.50 7.55
CA LEU A 768 15.20 -9.77 7.66
C LEU A 768 15.39 -9.21 9.07
N PRO A 769 16.41 -9.69 9.79
CA PRO A 769 16.73 -9.21 11.13
C PRO A 769 17.24 -7.77 11.09
N VAL A 770 16.61 -6.88 11.85
CA VAL A 770 17.00 -5.47 11.83
C VAL A 770 17.22 -4.92 13.24
N SER A 771 16.91 -5.73 14.24
CA SER A 771 17.12 -5.35 15.63
C SER A 771 17.30 -6.59 16.50
N SER A 772 18.51 -6.74 17.04
CA SER A 772 18.90 -7.95 17.77
C SER A 772 18.03 -8.26 18.99
N GLY A 773 17.93 -9.54 19.32
CA GLY A 773 17.19 -9.98 20.49
C GLY A 773 16.21 -11.08 20.18
N THR A 774 15.84 -11.86 21.20
CA THR A 774 14.87 -12.93 21.02
C THR A 774 13.80 -12.86 22.12
N VAL A 775 12.54 -12.88 21.69
CA VAL A 775 11.43 -12.72 22.62
C VAL A 775 10.26 -13.65 22.31
N GLU A 776 9.55 -14.04 23.35
CA GLU A 776 8.30 -14.79 23.21
C GLU A 776 7.14 -13.93 23.69
N GLY A 777 6.13 -13.76 22.85
CA GLY A 777 4.99 -12.95 23.22
C GLY A 777 3.71 -13.26 22.45
N ARG A 778 2.66 -12.52 22.76
CA ARG A 778 1.40 -12.66 22.06
C ARG A 778 1.40 -11.85 20.77
N ALA A 779 1.15 -12.51 19.65
CA ALA A 779 1.11 -11.82 18.37
C ALA A 779 -0.15 -10.98 18.26
N ARG A 780 0.01 -9.77 17.72
CA ARG A 780 -1.10 -8.88 17.48
C ARG A 780 -1.12 -8.43 16.03
N VAL A 781 -1.94 -9.07 15.21
CA VAL A 781 -2.07 -8.69 13.81
C VAL A 781 -3.00 -7.49 13.69
N ILE A 782 -2.40 -6.31 13.51
CA ILE A 782 -3.15 -5.06 13.45
C ILE A 782 -2.76 -4.26 12.23
N LEU A 783 -3.73 -3.98 11.36
CA LEU A 783 -3.44 -3.28 10.11
C LEU A 783 -3.57 -1.77 10.21
N GLU A 784 -4.39 -1.29 11.15
CA GLU A 784 -4.54 0.15 11.34
C GLU A 784 -4.29 0.55 12.79
N MET A 785 -3.36 1.49 12.97
CA MET A 785 -2.85 1.87 14.29
C MET A 785 -3.95 2.36 15.24
N GLU A 786 -4.99 2.97 14.67
CA GLU A 786 -6.08 3.52 15.47
C GLU A 786 -6.82 2.44 16.26
N LYS A 787 -6.83 1.22 15.74
CA LYS A 787 -7.56 0.13 16.37
C LYS A 787 -6.63 -0.80 17.16
N ALA A 788 -5.42 -0.33 17.42
CA ALA A 788 -4.42 -1.14 18.11
C ALA A 788 -4.61 -1.09 19.62
N ASP A 789 -5.12 -2.18 20.19
CA ASP A 789 -5.29 -2.28 21.62
C ASP A 789 -4.15 -3.09 22.21
N LEU A 790 -2.96 -2.48 22.25
CA LEU A 790 -1.74 -3.19 22.62
C LEU A 790 -1.51 -3.23 24.13
N GLU A 791 -1.37 -4.44 24.66
CA GLU A 791 -1.01 -4.63 26.06
C GLU A 791 0.48 -4.96 26.16
N ASP A 792 0.98 -4.99 27.39
CA ASP A 792 2.38 -5.32 27.63
C ASP A 792 2.65 -6.79 27.33
N GLY A 793 3.69 -7.04 26.56
CA GLY A 793 4.04 -8.40 26.18
C GLY A 793 3.66 -8.75 24.75
N ASP A 794 2.93 -7.86 24.11
CA ASP A 794 2.44 -8.13 22.75
C ASP A 794 3.53 -7.93 21.71
N ILE A 795 3.43 -8.69 20.62
CA ILE A 795 4.36 -8.55 19.50
C ILE A 795 3.61 -8.07 18.28
N LEU A 796 3.91 -6.84 17.86
CA LEU A 796 3.18 -6.23 16.76
C LEU A 796 3.51 -6.86 15.43
N VAL A 797 2.49 -7.42 14.78
CA VAL A 797 2.64 -7.94 13.43
C VAL A 797 1.74 -7.12 12.51
N THR A 798 2.35 -6.47 11.52
CA THR A 798 1.59 -5.60 10.63
C THR A 798 2.23 -5.53 9.24
N ALA A 799 1.60 -4.80 8.33
CA ALA A 799 2.09 -4.69 6.96
C ALA A 799 3.32 -3.79 6.90
N TYR A 800 3.19 -2.59 7.45
CA TYR A 800 4.31 -1.64 7.44
C TYR A 800 4.34 -0.79 8.70
N THR A 801 5.52 -0.26 9.03
CA THR A 801 5.63 0.71 10.11
C THR A 801 6.40 1.94 9.64
N ASP A 802 5.69 2.88 9.03
CA ASP A 802 6.25 4.18 8.68
C ASP A 802 6.43 4.96 9.99
N PRO A 803 7.10 6.13 9.95
CA PRO A 803 7.35 6.88 11.19
C PRO A 803 6.13 7.05 12.11
N SER A 804 4.94 7.15 11.53
CA SER A 804 3.74 7.43 12.32
C SER A 804 3.37 6.28 13.24
N TRP A 805 3.91 5.09 12.97
CA TRP A 805 3.60 3.92 13.80
C TRP A 805 4.41 3.88 15.10
N THR A 806 5.44 4.72 15.19
CA THR A 806 6.33 4.72 16.35
C THR A 806 5.65 4.79 17.74
N PRO A 807 4.59 5.60 17.91
CA PRO A 807 3.99 5.61 19.25
C PRO A 807 3.42 4.26 19.72
N ALA A 808 3.29 3.29 18.82
CA ALA A 808 2.81 1.96 19.19
C ALA A 808 3.98 1.03 19.49
N PHE A 809 5.20 1.55 19.51
CA PHE A 809 6.37 0.73 19.78
C PHE A 809 6.69 0.70 21.27
N VAL A 810 6.07 1.60 22.03
CA VAL A 810 6.43 1.78 23.43
C VAL A 810 5.98 0.63 24.34
N SER A 811 4.89 -0.05 23.97
CA SER A 811 4.32 -1.06 24.86
C SER A 811 4.64 -2.49 24.41
N ILE A 812 4.95 -2.65 23.13
CA ILE A 812 5.24 -3.96 22.57
C ILE A 812 6.66 -4.41 22.88
N LYS A 813 6.91 -5.70 22.73
CA LYS A 813 8.21 -6.28 23.03
C LYS A 813 8.83 -6.94 21.80
N GLY A 814 8.21 -6.72 20.64
CA GLY A 814 8.71 -7.24 19.39
C GLY A 814 7.94 -6.67 18.21
N LEU A 815 8.58 -6.64 17.04
CA LEU A 815 7.95 -6.09 15.84
C LEU A 815 8.14 -7.00 14.64
N VAL A 816 7.07 -7.18 13.87
CA VAL A 816 7.14 -7.94 12.62
C VAL A 816 6.41 -7.18 11.51
N THR A 817 7.08 -6.96 10.39
CA THR A 817 6.47 -6.24 9.27
C THR A 817 6.61 -7.05 7.99
N GLU A 818 5.72 -6.79 7.03
CA GLU A 818 5.73 -7.53 5.77
C GLU A 818 6.75 -6.94 4.79
N VAL A 819 6.98 -5.64 4.90
CA VAL A 819 7.92 -4.96 4.02
C VAL A 819 9.02 -4.30 4.86
N GLY A 820 9.78 -3.41 4.23
CA GLY A 820 10.85 -2.70 4.91
C GLY A 820 12.23 -3.19 4.52
N GLY A 821 13.26 -2.50 5.00
CA GLY A 821 14.63 -2.91 4.78
C GLY A 821 15.52 -2.67 5.99
N LEU A 822 16.82 -2.90 5.81
CA LEU A 822 17.79 -2.77 6.91
C LEU A 822 17.79 -1.38 7.55
N MET A 823 17.85 -0.34 6.73
CA MET A 823 17.94 1.02 7.25
C MET A 823 16.76 1.89 6.84
N THR A 824 15.57 1.28 6.72
CA THR A 824 14.38 2.03 6.38
C THR A 824 13.65 2.49 7.63
N HIS A 825 12.50 3.12 7.45
CA HIS A 825 11.68 3.56 8.57
C HIS A 825 11.23 2.38 9.42
N GLY A 826 10.93 2.64 10.69
CA GLY A 826 10.53 1.58 11.60
C GLY A 826 11.73 0.78 12.12
N ALA A 827 12.47 0.18 11.20
CA ALA A 827 13.62 -0.63 11.54
C ALA A 827 14.69 0.17 12.28
N VAL A 828 14.91 1.40 11.84
CA VAL A 828 15.89 2.27 12.51
C VAL A 828 15.40 2.68 13.91
N ILE A 829 14.08 2.66 14.11
CA ILE A 829 13.50 3.08 15.38
C ILE A 829 13.48 1.94 16.39
N ALA A 830 13.25 0.73 15.88
CA ALA A 830 13.23 -0.46 16.73
C ALA A 830 14.55 -0.63 17.48
N ARG A 831 15.67 -0.32 16.82
CA ARG A 831 16.97 -0.44 17.46
C ARG A 831 17.11 0.54 18.61
N GLU A 832 16.76 1.79 18.36
CA GLU A 832 16.90 2.84 19.37
C GLU A 832 15.97 2.62 20.57
N TYR A 833 14.92 1.83 20.35
CA TYR A 833 13.96 1.52 21.39
C TYR A 833 14.28 0.21 22.11
N GLY A 834 15.33 -0.48 21.64
CA GLY A 834 15.69 -1.78 22.18
C GLY A 834 14.61 -2.81 21.93
N LEU A 835 14.06 -2.76 20.72
CA LEU A 835 12.92 -3.57 20.34
C LEU A 835 13.30 -4.57 19.25
N PRO A 836 13.23 -5.87 19.56
CA PRO A 836 13.55 -6.92 18.58
C PRO A 836 12.59 -6.88 17.39
N ALA A 837 13.12 -6.71 16.19
CA ALA A 837 12.27 -6.58 15.02
C ALA A 837 12.75 -7.44 13.86
N VAL A 838 11.79 -8.04 13.15
CA VAL A 838 12.06 -8.79 11.95
C VAL A 838 11.18 -8.28 10.81
N VAL A 839 11.80 -7.74 9.77
CA VAL A 839 11.05 -7.17 8.64
C VAL A 839 11.13 -8.05 7.41
N GLY A 840 10.42 -7.65 6.36
CA GLY A 840 10.41 -8.38 5.09
C GLY A 840 9.79 -9.76 5.21
N VAL A 841 8.79 -9.89 6.07
CA VAL A 841 8.13 -11.18 6.29
C VAL A 841 6.86 -11.28 5.46
N GLU A 842 6.93 -12.06 4.37
CA GLU A 842 5.83 -12.11 3.40
C GLU A 842 4.56 -12.71 3.97
N ASN A 843 3.44 -12.00 3.78
CA ASN A 843 2.13 -12.42 4.27
C ASN A 843 2.11 -12.71 5.75
N ALA A 844 2.87 -11.93 6.53
CA ALA A 844 2.93 -12.11 7.97
C ALA A 844 1.58 -11.85 8.63
N THR A 845 0.77 -11.01 8.00
CA THR A 845 -0.53 -10.66 8.55
C THR A 845 -1.59 -11.71 8.20
N THR A 846 -1.16 -12.75 7.49
CA THR A 846 -2.04 -13.85 7.12
C THR A 846 -1.56 -15.18 7.70
N ILE A 847 -0.25 -15.37 7.70
CA ILE A 847 0.33 -16.59 8.26
C ILE A 847 0.20 -16.60 9.77
N ILE A 848 0.50 -15.46 10.39
CA ILE A 848 0.39 -15.32 11.83
C ILE A 848 -1.04 -14.90 12.21
N LYS A 849 -1.63 -15.62 13.17
CA LYS A 849 -2.97 -15.31 13.62
C LYS A 849 -2.94 -14.43 14.87
N ASP A 850 -3.85 -13.46 14.94
CA ASP A 850 -3.93 -12.56 16.09
C ASP A 850 -4.26 -13.36 17.36
N GLY A 851 -3.41 -13.22 18.37
CA GLY A 851 -3.60 -13.94 19.63
C GLY A 851 -2.64 -15.10 19.81
N GLN A 852 -2.02 -15.55 18.72
CA GLN A 852 -1.06 -16.65 18.78
C GLN A 852 0.21 -16.27 19.52
N GLN A 853 0.72 -17.19 20.32
CA GLN A 853 2.02 -17.00 20.96
C GLN A 853 3.11 -17.33 19.96
N ILE A 854 3.96 -16.35 19.68
CA ILE A 854 5.05 -16.54 18.75
C ILE A 854 6.38 -16.15 19.36
N ARG A 855 7.46 -16.66 18.76
CA ARG A 855 8.81 -16.28 19.15
C ARG A 855 9.54 -15.75 17.93
N ILE A 856 9.98 -14.48 18.00
CA ILE A 856 10.74 -13.90 16.91
C ILE A 856 12.21 -13.73 17.33
N ASN A 857 13.09 -13.83 16.35
CA ASN A 857 14.51 -13.66 16.57
C ASN A 857 15.04 -12.53 15.69
N GLY A 858 15.30 -11.39 16.30
CA GLY A 858 15.74 -10.21 15.57
C GLY A 858 17.21 -10.21 15.20
N THR A 859 17.89 -11.30 15.55
CA THR A 859 19.31 -11.44 15.23
C THR A 859 19.48 -12.30 13.98
N GLU A 860 18.79 -13.43 13.95
CA GLU A 860 18.86 -14.36 12.84
C GLU A 860 17.77 -14.08 11.81
N GLY A 861 16.68 -13.47 12.25
CA GLY A 861 15.58 -13.13 11.37
C GLY A 861 14.64 -14.27 11.07
N TYR A 862 14.09 -14.89 12.10
CA TYR A 862 13.06 -15.91 11.89
C TYR A 862 11.95 -15.78 12.92
N ILE A 863 10.84 -16.47 12.67
CA ILE A 863 9.69 -16.44 13.57
C ILE A 863 9.15 -17.85 13.79
N GLU A 864 8.84 -18.18 15.05
CA GLU A 864 8.28 -19.48 15.36
C GLU A 864 6.88 -19.37 15.97
N ILE A 865 6.01 -20.31 15.60
CA ILE A 865 4.69 -20.43 16.23
C ILE A 865 4.76 -21.49 17.31
N LEU A 866 4.21 -21.18 18.47
CA LEU A 866 4.28 -22.05 19.61
C LEU A 866 2.93 -22.65 19.86
N ASP A 867 1.93 -21.82 19.67
CA ASP A 867 0.54 -22.19 19.83
C ASP A 867 -0.24 -21.73 18.63
#